data_8A7B
#
_entry.id   8A7B
#
_cell.length_a   59.310
_cell.length_b   77.970
_cell.length_c   88.710
_cell.angle_alpha   90.000
_cell.angle_beta   101.260
_cell.angle_gamma   90.000
#
_symmetry.space_group_name_H-M   'P 1 21 1'
#
loop_
_entity.id
_entity.type
_entity.pdbx_description
1 polymer 'Isoprenyl diphosphate synthase'
2 non-polymer 'MAGNESIUM ION'
3 non-polymer GLYCEROL
4 non-polymer 'CARBONATE ION'
5 non-polymer '[(2Z)-3-bromanyl-7-methyl-octa-2,6-dienyl] phosphono hydrogen phosphate'
6 water water
#
_entity_poly.entity_id   1
_entity_poly.type   'polypeptide(L)'
_entity_poly.pdbx_seq_one_letter_code
;GSFSKEESREFMAIFPDIVRDLTDAGRHTDIPEVTKRFAKVLQYNVPTGKKTRGLSTVIAYKMLEKPENLTPENVRLAGI
LGWCVELLQASLLIMDDLMDRSETRRGQPCWYRQENVGFLAINDCLHVESSLYSVLRKYFSHLPCYVPIIELFHDVNFKT
NMGQSLDALCMKDGRPILSQFTMKRYSSIVKYKTSYYTFQLPVSLGMYLADMYDPEQHRQAKTILMEIGEFFQIQNDFLD
AFGDSQVTGKVGTDIKEGKCSWLAVVALQRSNPAQRQIMEEHYGRPEPESTQIIKNLYIELGLPATFAVYEEESFNIIRT
HIHQISKGLPHDLFFKIMKKIYKRDA
;
_entity_poly.pdbx_strand_id   A,B
#
# COMPACT_ATOMS: atom_id res chain seq x y z
N SER A 4 0.57 -5.44 -31.93
CA SER A 4 -0.65 -5.92 -32.65
C SER A 4 -1.87 -5.12 -32.21
N LYS A 5 -2.68 -4.67 -33.19
CA LYS A 5 -3.94 -3.91 -32.95
C LYS A 5 -4.91 -4.77 -32.14
N GLU A 6 -5.07 -6.05 -32.51
CA GLU A 6 -6.03 -7.00 -31.88
C GLU A 6 -5.64 -7.24 -30.42
N GLU A 7 -4.35 -7.50 -30.15
CA GLU A 7 -3.80 -7.71 -28.78
C GLU A 7 -4.08 -6.49 -27.91
N SER A 8 -3.83 -5.28 -28.44
CA SER A 8 -4.06 -3.97 -27.76
C SER A 8 -5.54 -3.81 -27.41
N ARG A 9 -6.45 -3.98 -28.37
CA ARG A 9 -7.89 -3.70 -28.19
C ARG A 9 -8.49 -4.74 -27.23
N GLU A 10 -8.10 -6.02 -27.35
CA GLU A 10 -8.58 -7.12 -26.47
C GLU A 10 -8.17 -6.80 -25.03
N PHE A 11 -6.93 -6.35 -24.85
CA PHE A 11 -6.39 -5.97 -23.52
C PHE A 11 -7.18 -4.79 -22.96
N MET A 12 -7.35 -3.73 -23.75
CA MET A 12 -7.98 -2.47 -23.25
C MET A 12 -9.45 -2.73 -22.86
N ALA A 13 -10.12 -3.68 -23.52
CA ALA A 13 -11.54 -4.03 -23.30
C ALA A 13 -11.75 -4.64 -21.91
N ILE A 14 -10.70 -5.13 -21.25
CA ILE A 14 -10.79 -5.80 -19.91
C ILE A 14 -10.98 -4.73 -18.83
N PHE A 15 -10.39 -3.55 -18.99
CA PHE A 15 -10.30 -2.53 -17.92
C PHE A 15 -11.68 -2.22 -17.33
N PRO A 16 -12.73 -1.91 -18.14
CA PRO A 16 -14.04 -1.57 -17.59
C PRO A 16 -14.66 -2.67 -16.72
N ASP A 17 -14.40 -3.94 -17.04
CA ASP A 17 -14.86 -5.11 -16.24
C ASP A 17 -14.20 -5.07 -14.86
N ILE A 18 -12.89 -4.79 -14.81
CA ILE A 18 -12.13 -4.73 -13.54
C ILE A 18 -12.67 -3.57 -12.68
N VAL A 19 -12.98 -2.43 -13.29
CA VAL A 19 -13.57 -1.27 -12.53
C VAL A 19 -14.90 -1.73 -11.93
N ARG A 20 -15.74 -2.42 -12.70
CA ARG A 20 -17.05 -2.96 -12.22
C ARG A 20 -16.80 -3.95 -11.07
N ASP A 21 -15.80 -4.83 -11.19
CA ASP A 21 -15.46 -5.84 -10.15
C ASP A 21 -15.11 -5.14 -8.83
N LEU A 22 -14.48 -3.96 -8.89
CA LEU A 22 -13.93 -3.27 -7.70
C LEU A 22 -14.92 -2.25 -7.13
N THR A 23 -16.02 -1.93 -7.84
CA THR A 23 -16.95 -0.85 -7.46
C THR A 23 -18.43 -1.24 -7.62
N ASP A 24 -18.76 -2.24 -8.42
CA ASP A 24 -20.17 -2.58 -8.80
C ASP A 24 -20.36 -4.11 -8.72
N HIS A 28 -20.46 -3.65 -1.62
CA HIS A 28 -20.42 -2.50 -0.67
C HIS A 28 -21.51 -1.48 -1.05
N THR A 29 -22.75 -1.94 -1.19
CA THR A 29 -23.91 -1.13 -1.68
C THR A 29 -24.37 -0.14 -0.59
N ASP A 30 -23.88 -0.27 0.65
CA ASP A 30 -24.23 0.65 1.77
C ASP A 30 -23.42 1.96 1.66
N ILE A 31 -22.37 2.01 0.82
CA ILE A 31 -21.46 3.19 0.70
C ILE A 31 -21.26 3.57 -0.77
N PRO A 32 -22.34 3.95 -1.49
CA PRO A 32 -22.24 4.22 -2.93
C PRO A 32 -21.37 5.45 -3.30
N GLU A 33 -21.30 6.46 -2.44
CA GLU A 33 -20.56 7.72 -2.73
C GLU A 33 -19.06 7.39 -2.82
N VAL A 34 -18.57 6.55 -1.93
CA VAL A 34 -17.10 6.24 -1.86
C VAL A 34 -16.76 5.22 -2.95
N THR A 35 -17.67 4.33 -3.35
CA THR A 35 -17.43 3.36 -4.45
C THR A 35 -17.42 4.11 -5.80
N LYS A 36 -18.31 5.10 -5.95
CA LYS A 36 -18.33 5.99 -7.15
C LYS A 36 -17.00 6.76 -7.23
N ARG A 37 -16.52 7.27 -6.09
CA ARG A 37 -15.22 8.00 -6.01
C ARG A 37 -14.09 7.05 -6.43
N PHE A 38 -14.10 5.81 -5.95
CA PHE A 38 -13.01 4.85 -6.24
C PHE A 38 -13.00 4.55 -7.76
N ALA A 39 -14.17 4.48 -8.40
CA ALA A 39 -14.27 4.30 -9.87
C ALA A 39 -13.51 5.45 -10.56
N LYS A 40 -13.67 6.68 -10.06
CA LYS A 40 -12.99 7.89 -10.61
C LYS A 40 -11.48 7.77 -10.38
N VAL A 41 -11.04 7.31 -9.20
CA VAL A 41 -9.59 7.10 -8.89
C VAL A 41 -9.01 6.16 -9.94
N LEU A 42 -9.67 5.03 -10.19
CA LEU A 42 -9.19 4.00 -11.16
C LEU A 42 -9.19 4.59 -12.57
N GLN A 43 -10.27 5.27 -12.95
CA GLN A 43 -10.47 5.80 -14.33
C GLN A 43 -9.42 6.87 -14.65
N TYR A 44 -9.03 7.71 -13.67
CA TYR A 44 -8.04 8.81 -13.89
C TYR A 44 -6.62 8.24 -14.00
N ASN A 45 -6.28 7.24 -13.19
CA ASN A 45 -4.88 6.88 -12.87
C ASN A 45 -4.40 5.61 -13.59
N VAL A 46 -5.31 4.76 -14.08
CA VAL A 46 -4.94 3.37 -14.49
C VAL A 46 -4.94 3.16 -16.01
N PRO A 47 -5.94 3.62 -16.80
CA PRO A 47 -6.05 3.20 -18.20
C PRO A 47 -5.52 4.15 -19.30
N THR A 48 -4.91 5.29 -18.95
CA THR A 48 -4.53 6.34 -19.92
C THR A 48 -3.08 6.15 -20.36
N GLY A 49 -2.74 6.61 -21.57
CA GLY A 49 -1.42 6.44 -22.20
C GLY A 49 -1.10 4.98 -22.47
N LYS A 50 0.20 4.65 -22.59
CA LYS A 50 0.70 3.32 -23.02
C LYS A 50 0.62 2.37 -21.83
N LYS A 51 0.12 1.15 -22.05
CA LYS A 51 0.06 0.07 -21.04
C LYS A 51 1.11 -0.97 -21.41
N THR A 52 2.37 -0.56 -21.52
CA THR A 52 3.49 -1.40 -21.99
C THR A 52 3.64 -2.62 -21.05
N ARG A 53 3.60 -2.40 -19.74
CA ARG A 53 3.83 -3.49 -18.74
C ARG A 53 2.67 -4.49 -18.80
N GLY A 54 1.43 -4.00 -18.86
CA GLY A 54 0.22 -4.84 -18.94
C GLY A 54 0.24 -5.68 -20.20
N LEU A 55 0.47 -5.06 -21.35
CA LEU A 55 0.52 -5.77 -22.65
C LEU A 55 1.70 -6.75 -22.68
N SER A 56 2.84 -6.39 -22.07
CA SER A 56 4.05 -7.25 -22.02
CA SER A 56 4.05 -7.25 -22.02
C SER A 56 3.75 -8.53 -21.23
N THR A 57 2.83 -8.47 -20.25
CA THR A 57 2.40 -9.65 -19.45
C THR A 57 1.71 -10.64 -20.38
N VAL A 58 0.79 -10.15 -21.23
CA VAL A 58 0.06 -10.99 -22.22
C VAL A 58 1.07 -11.61 -23.19
N ILE A 59 1.98 -10.81 -23.74
CA ILE A 59 2.94 -11.28 -24.79
C ILE A 59 3.89 -12.29 -24.15
N ALA A 60 4.38 -12.05 -22.93
CA ALA A 60 5.23 -13.00 -22.18
C ALA A 60 4.52 -14.36 -22.09
N TYR A 61 3.25 -14.36 -21.64
CA TYR A 61 2.43 -15.59 -21.50
C TYR A 61 2.33 -16.30 -22.86
N LYS A 62 2.02 -15.55 -23.92
CA LYS A 62 1.83 -16.10 -25.29
C LYS A 62 3.12 -16.77 -25.78
N MET A 63 4.29 -16.35 -25.29
CA MET A 63 5.60 -16.89 -25.75
C MET A 63 6.10 -18.00 -24.81
N LEU A 64 5.49 -18.16 -23.63
CA LEU A 64 5.90 -19.18 -22.61
C LEU A 64 4.94 -20.38 -22.64
N GLU A 65 3.64 -20.15 -22.82
CA GLU A 65 2.59 -21.20 -22.78
C GLU A 65 2.73 -22.09 -24.01
N LYS A 66 2.33 -23.35 -23.90
CA LYS A 66 2.21 -24.30 -25.04
C LYS A 66 1.14 -23.76 -26.00
N PRO A 67 1.44 -23.68 -27.32
CA PRO A 67 0.50 -23.11 -28.29
C PRO A 67 -0.95 -23.58 -28.18
N GLU A 68 -1.15 -24.88 -27.92
CA GLU A 68 -2.48 -25.55 -27.86
C GLU A 68 -3.27 -25.08 -26.63
N ASN A 69 -2.59 -24.48 -25.63
CA ASN A 69 -3.21 -23.99 -24.38
C ASN A 69 -3.53 -22.50 -24.47
N LEU A 70 -3.22 -21.84 -25.60
CA LEU A 70 -3.46 -20.38 -25.78
C LEU A 70 -4.90 -20.16 -26.27
N THR A 71 -5.87 -20.43 -25.39
CA THR A 71 -7.32 -20.22 -25.63
C THR A 71 -7.64 -18.75 -25.38
N PRO A 72 -8.74 -18.20 -25.96
CA PRO A 72 -9.18 -16.85 -25.63
C PRO A 72 -9.36 -16.66 -24.11
N GLU A 73 -9.80 -17.70 -23.40
CA GLU A 73 -10.03 -17.71 -21.93
C GLU A 73 -8.69 -17.45 -21.21
N ASN A 74 -7.64 -18.17 -21.57
CA ASN A 74 -6.31 -18.07 -20.89
C ASN A 74 -5.62 -16.75 -21.28
N VAL A 75 -5.76 -16.30 -22.52
CA VAL A 75 -5.18 -15.01 -22.99
C VAL A 75 -5.87 -13.86 -22.23
N ARG A 76 -7.17 -13.97 -21.96
CA ARG A 76 -7.92 -12.97 -21.15
C ARG A 76 -7.39 -13.00 -19.71
N LEU A 77 -7.10 -14.17 -19.14
CA LEU A 77 -6.52 -14.28 -17.78
C LEU A 77 -5.17 -13.54 -17.76
N ALA A 78 -4.34 -13.73 -18.79
CA ALA A 78 -3.04 -13.02 -18.94
C ALA A 78 -3.29 -11.50 -18.96
N GLY A 79 -4.34 -11.06 -19.66
CA GLY A 79 -4.76 -9.65 -19.72
C GLY A 79 -5.14 -9.12 -18.34
N ILE A 80 -5.87 -9.92 -17.56
CA ILE A 80 -6.29 -9.53 -16.19
C ILE A 80 -5.03 -9.37 -15.33
N LEU A 81 -4.05 -10.28 -15.45
CA LEU A 81 -2.76 -10.16 -14.71
C LEU A 81 -2.03 -8.89 -15.17
N GLY A 82 -2.05 -8.59 -16.47
CA GLY A 82 -1.49 -7.35 -17.03
C GLY A 82 -2.10 -6.12 -16.37
N TRP A 83 -3.41 -6.11 -16.18
CA TRP A 83 -4.12 -4.97 -15.54
C TRP A 83 -3.76 -4.90 -14.07
N CYS A 84 -3.52 -6.04 -13.41
CA CYS A 84 -3.03 -6.06 -12.01
C CYS A 84 -1.66 -5.38 -11.95
N VAL A 85 -0.81 -5.57 -12.96
CA VAL A 85 0.51 -4.86 -13.02
C VAL A 85 0.24 -3.35 -13.17
N GLU A 86 -0.73 -2.97 -14.00
CA GLU A 86 -1.07 -1.54 -14.24
C GLU A 86 -1.68 -0.94 -12.96
N LEU A 87 -2.45 -1.71 -12.18
CA LEU A 87 -2.97 -1.24 -10.87
C LEU A 87 -1.80 -0.98 -9.92
N LEU A 88 -0.85 -1.92 -9.81
CA LEU A 88 0.35 -1.71 -8.95
C LEU A 88 1.07 -0.43 -9.41
N GLN A 89 1.34 -0.30 -10.71
CA GLN A 89 2.08 0.90 -11.22
C GLN A 89 1.32 2.18 -10.87
N ALA A 90 -0.01 2.21 -11.09
CA ALA A 90 -0.85 3.40 -10.81
C ALA A 90 -0.67 3.81 -9.34
N SER A 91 -0.71 2.84 -8.43
CA SER A 91 -0.53 3.10 -6.97
C SER A 91 0.85 3.74 -6.74
N LEU A 92 1.89 3.17 -7.34
CA LEU A 92 3.30 3.64 -7.14
C LEU A 92 3.44 5.08 -7.65
N LEU A 93 2.86 5.38 -8.81
CA LEU A 93 3.05 6.70 -9.47
C LEU A 93 2.20 7.77 -8.76
N ILE A 94 1.00 7.43 -8.27
CA ILE A 94 0.18 8.35 -7.43
C ILE A 94 1.06 8.81 -6.26
N MET A 95 1.72 7.87 -5.59
CA MET A 95 2.53 8.15 -4.38
C MET A 95 3.79 8.92 -4.77
N ASP A 96 4.48 8.48 -5.82
CA ASP A 96 5.76 9.10 -6.25
C ASP A 96 5.51 10.57 -6.61
N ASP A 97 4.41 10.87 -7.33
CA ASP A 97 4.09 12.24 -7.77
C ASP A 97 3.90 13.14 -6.56
N LEU A 98 3.26 12.63 -5.48
CA LEU A 98 3.09 13.41 -4.23
C LEU A 98 4.47 13.63 -3.59
N MET A 99 5.29 12.58 -3.50
CA MET A 99 6.63 12.63 -2.85
C MET A 99 7.53 13.63 -3.60
N ASP A 100 7.45 13.69 -4.93
CA ASP A 100 8.33 14.54 -5.78
C ASP A 100 7.67 15.89 -6.07
N ARG A 101 6.42 16.10 -5.62
CA ARG A 101 5.63 17.35 -5.86
C ARG A 101 5.64 17.69 -7.34
N SER A 102 5.45 16.70 -8.21
CA SER A 102 5.43 16.87 -9.69
C SER A 102 4.12 17.55 -10.11
N GLU A 103 4.16 18.30 -11.21
CA GLU A 103 2.98 19.01 -11.76
C GLU A 103 2.15 18.05 -12.61
N THR A 104 2.82 17.30 -13.51
CA THR A 104 2.16 16.40 -14.50
C THR A 104 2.86 15.05 -14.58
N ARG A 105 2.14 14.05 -15.10
CA ARG A 105 2.71 12.79 -15.61
C ARG A 105 2.04 12.45 -16.94
N ARG A 106 2.84 12.19 -17.99
CA ARG A 106 2.39 11.96 -19.38
C ARG A 106 1.53 13.14 -19.87
N GLY A 107 1.77 14.35 -19.34
CA GLY A 107 1.03 15.57 -19.71
C GLY A 107 -0.26 15.77 -18.91
N GLN A 108 -0.68 14.77 -18.13
CA GLN A 108 -1.88 14.85 -17.23
C GLN A 108 -1.46 15.49 -15.90
N PRO A 109 -2.26 16.42 -15.33
CA PRO A 109 -2.04 16.85 -13.95
C PRO A 109 -2.01 15.64 -13.01
N CYS A 110 -1.03 15.60 -12.10
CA CYS A 110 -0.85 14.52 -11.10
C CYS A 110 -2.10 14.43 -10.22
N TRP A 111 -2.50 13.22 -9.86
CA TRP A 111 -3.75 12.93 -9.10
C TRP A 111 -3.83 13.79 -7.84
N TYR A 112 -2.74 13.90 -7.07
CA TYR A 112 -2.72 14.61 -5.76
C TYR A 112 -3.04 16.09 -5.96
N ARG A 113 -2.85 16.63 -7.16
CA ARG A 113 -3.08 18.06 -7.48
C ARG A 113 -4.57 18.32 -7.80
N GLN A 114 -5.36 17.28 -8.02
CA GLN A 114 -6.82 17.43 -8.32
C GLN A 114 -7.52 17.97 -7.07
N GLU A 115 -8.59 18.76 -7.28
CA GLU A 115 -9.33 19.47 -6.19
C GLU A 115 -9.72 18.44 -5.11
N ASN A 116 -9.37 18.74 -3.86
CA ASN A 116 -9.77 17.97 -2.64
C ASN A 116 -9.17 16.56 -2.66
N VAL A 117 -7.98 16.38 -3.26
CA VAL A 117 -7.19 15.14 -3.10
C VAL A 117 -6.03 15.45 -2.15
N GLY A 118 -4.95 16.08 -2.64
CA GLY A 118 -3.77 16.41 -1.83
C GLY A 118 -3.21 15.15 -1.18
N PHE A 119 -3.00 15.18 0.13
CA PHE A 119 -2.35 14.06 0.88
C PHE A 119 -3.31 12.85 0.97
N LEU A 120 -4.59 13.00 0.61
CA LEU A 120 -5.53 11.84 0.48
C LEU A 120 -5.03 10.89 -0.60
N ALA A 121 -4.14 11.35 -1.49
CA ALA A 121 -3.46 10.51 -2.50
C ALA A 121 -2.75 9.33 -1.83
N ILE A 122 -2.30 9.48 -0.58
CA ILE A 122 -1.61 8.38 0.16
C ILE A 122 -2.60 7.24 0.35
N ASN A 123 -3.81 7.53 0.84
CA ASN A 123 -4.87 6.51 1.03
C ASN A 123 -5.24 5.91 -0.33
N ASP A 124 -5.36 6.74 -1.37
CA ASP A 124 -5.73 6.28 -2.74
C ASP A 124 -4.66 5.30 -3.24
N CYS A 125 -3.37 5.62 -3.03
CA CYS A 125 -2.24 4.71 -3.37
C CYS A 125 -2.46 3.34 -2.71
N LEU A 126 -2.62 3.32 -1.38
CA LEU A 126 -2.77 2.03 -0.64
C LEU A 126 -4.01 1.30 -1.16
N HIS A 127 -5.09 2.04 -1.42
CA HIS A 127 -6.39 1.48 -1.88
C HIS A 127 -6.21 0.80 -3.25
N VAL A 128 -5.60 1.49 -4.20
CA VAL A 128 -5.39 0.96 -5.58
C VAL A 128 -4.50 -0.30 -5.51
N GLU A 129 -3.42 -0.27 -4.73
CA GLU A 129 -2.52 -1.44 -4.61
C GLU A 129 -3.31 -2.62 -4.02
N SER A 130 -4.09 -2.38 -2.96
CA SER A 130 -4.90 -3.42 -2.27
C SER A 130 -5.90 -4.03 -3.26
N SER A 131 -6.46 -3.21 -4.15
CA SER A 131 -7.54 -3.61 -5.08
C SER A 131 -7.08 -4.76 -6.00
N LEU A 132 -5.81 -4.83 -6.39
CA LEU A 132 -5.36 -5.87 -7.36
C LEU A 132 -5.53 -7.26 -6.75
N TYR A 133 -5.44 -7.41 -5.41
CA TYR A 133 -5.56 -8.74 -4.74
C TYR A 133 -7.01 -9.21 -4.77
N SER A 134 -7.99 -8.29 -4.83
CA SER A 134 -9.42 -8.62 -4.99
CA SER A 134 -9.43 -8.59 -5.00
C SER A 134 -9.67 -9.12 -6.41
N VAL A 135 -8.99 -8.51 -7.39
CA VAL A 135 -9.06 -8.96 -8.81
C VAL A 135 -8.48 -10.38 -8.89
N LEU A 136 -7.33 -10.63 -8.25
CA LEU A 136 -6.68 -11.96 -8.25
C LEU A 136 -7.64 -12.99 -7.65
N ARG A 137 -8.32 -12.65 -6.54
CA ARG A 137 -9.24 -13.60 -5.87
C ARG A 137 -10.38 -13.95 -6.83
N LYS A 138 -10.97 -12.95 -7.50
CA LYS A 138 -12.16 -13.20 -8.34
C LYS A 138 -11.81 -14.19 -9.47
N TYR A 139 -10.65 -14.04 -10.11
CA TYR A 139 -10.34 -14.71 -11.39
C TYR A 139 -9.38 -15.90 -11.24
N PHE A 140 -8.60 -15.99 -10.16
CA PHE A 140 -7.47 -16.96 -10.05
C PHE A 140 -7.56 -17.88 -8.82
N SER A 141 -8.53 -17.69 -7.91
CA SER A 141 -8.54 -18.36 -6.59
C SER A 141 -8.63 -19.89 -6.74
N HIS A 142 -9.10 -20.37 -7.90
CA HIS A 142 -9.31 -21.83 -8.14
CA HIS A 142 -9.35 -21.82 -8.19
C HIS A 142 -8.19 -22.43 -8.99
N LEU A 143 -7.17 -21.63 -9.34
CA LEU A 143 -6.04 -22.07 -10.19
C LEU A 143 -4.78 -22.31 -9.34
N PRO A 144 -3.91 -23.25 -9.74
CA PRO A 144 -2.65 -23.51 -9.03
C PRO A 144 -1.70 -22.30 -8.92
N CYS A 145 -1.79 -21.35 -9.85
CA CYS A 145 -0.88 -20.16 -9.92
C CYS A 145 -1.31 -19.08 -8.90
N TYR A 146 -2.45 -19.25 -8.22
CA TYR A 146 -3.05 -18.22 -7.33
C TYR A 146 -2.04 -17.73 -6.28
N VAL A 147 -1.54 -18.63 -5.43
CA VAL A 147 -0.68 -18.22 -4.28
C VAL A 147 0.66 -17.70 -4.79
N PRO A 148 1.37 -18.39 -5.72
CA PRO A 148 2.59 -17.83 -6.28
C PRO A 148 2.41 -16.40 -6.83
N ILE A 149 1.28 -16.12 -7.49
CA ILE A 149 1.02 -14.77 -8.08
C ILE A 149 0.78 -13.75 -6.95
N ILE A 150 -0.03 -14.08 -5.95
CA ILE A 150 -0.23 -13.21 -4.75
C ILE A 150 1.14 -12.87 -4.16
N GLU A 151 1.95 -13.89 -3.89
CA GLU A 151 3.27 -13.74 -3.21
C GLU A 151 4.21 -12.87 -4.06
N LEU A 152 4.16 -13.03 -5.39
CA LEU A 152 5.01 -12.25 -6.33
C LEU A 152 4.64 -10.76 -6.21
N PHE A 153 3.34 -10.43 -6.24
CA PHE A 153 2.88 -9.02 -6.15
C PHE A 153 3.32 -8.41 -4.82
N HIS A 154 3.13 -9.11 -3.70
CA HIS A 154 3.50 -8.56 -2.36
C HIS A 154 5.02 -8.39 -2.29
N ASP A 155 5.79 -9.34 -2.83
CA ASP A 155 7.28 -9.28 -2.78
C ASP A 155 7.79 -8.14 -3.66
N VAL A 156 7.22 -7.98 -4.86
CA VAL A 156 7.63 -6.88 -5.78
C VAL A 156 7.27 -5.54 -5.13
N ASN A 157 6.12 -5.44 -4.47
CA ASN A 157 5.73 -4.18 -3.76
C ASN A 157 6.80 -3.88 -2.70
N PHE A 158 7.16 -4.86 -1.87
CA PHE A 158 8.18 -4.70 -0.80
C PHE A 158 9.49 -4.22 -1.43
N LYS A 159 9.96 -4.90 -2.48
CA LYS A 159 11.26 -4.59 -3.15
C LYS A 159 11.21 -3.20 -3.79
N THR A 160 10.08 -2.82 -4.41
CA THR A 160 9.91 -1.50 -5.06
C THR A 160 10.03 -0.41 -4.00
N ASN A 161 9.47 -0.63 -2.81
CA ASN A 161 9.57 0.32 -1.67
C ASN A 161 11.03 0.46 -1.24
N MET A 162 11.79 -0.63 -1.20
CA MET A 162 13.24 -0.56 -0.88
C MET A 162 13.93 0.34 -1.92
N GLY A 163 13.57 0.21 -3.20
CA GLY A 163 14.12 1.05 -4.28
C GLY A 163 13.79 2.52 -4.09
N GLN A 164 12.52 2.83 -3.77
CA GLN A 164 12.05 4.23 -3.59
C GLN A 164 12.79 4.84 -2.40
N SER A 165 12.94 4.10 -1.30
CA SER A 165 13.59 4.59 -0.06
C SER A 165 15.10 4.77 -0.31
N LEU A 166 15.72 3.91 -1.13
CA LEU A 166 17.16 4.05 -1.48
C LEU A 166 17.36 5.30 -2.35
N ASP A 167 16.44 5.55 -3.29
CA ASP A 167 16.39 6.78 -4.11
C ASP A 167 16.34 8.00 -3.19
N ALA A 168 15.48 7.97 -2.16
CA ALA A 168 15.28 9.08 -1.20
C ALA A 168 16.56 9.32 -0.39
N LEU A 169 17.37 8.28 -0.16
CA LEU A 169 18.65 8.40 0.61
C LEU A 169 19.73 9.11 -0.22
N CYS A 170 19.43 9.51 -1.46
CA CYS A 170 20.34 10.33 -2.31
C CYS A 170 19.99 11.83 -2.20
N MET A 171 18.99 12.18 -1.38
CA MET A 171 18.53 13.58 -1.18
C MET A 171 18.45 13.86 0.32
N LYS A 172 18.63 15.13 0.71
CA LYS A 172 18.44 15.63 2.10
C LYS A 172 17.87 17.05 2.02
N ASP A 173 16.68 17.26 2.60
CA ASP A 173 15.98 18.58 2.65
C ASP A 173 15.88 19.15 1.23
N GLY A 174 15.53 18.31 0.25
CA GLY A 174 15.30 18.70 -1.15
C GLY A 174 16.59 19.03 -1.90
N ARG A 175 17.75 18.58 -1.38
CA ARG A 175 19.09 18.85 -1.99
C ARG A 175 19.78 17.53 -2.29
N PRO A 176 20.27 17.30 -3.53
CA PRO A 176 20.99 16.07 -3.85
C PRO A 176 22.27 15.93 -3.02
N ILE A 177 22.52 14.71 -2.51
CA ILE A 177 23.79 14.34 -1.81
C ILE A 177 24.70 13.67 -2.84
N LEU A 178 25.62 14.42 -3.44
CA LEU A 178 26.39 13.97 -4.64
C LEU A 178 27.37 12.85 -4.24
N SER A 179 27.79 12.78 -2.98
CA SER A 179 28.66 11.68 -2.47
C SER A 179 27.93 10.34 -2.56
N GLN A 180 26.59 10.35 -2.59
CA GLN A 180 25.74 9.14 -2.70
C GLN A 180 25.59 8.70 -4.16
N PHE A 181 25.94 9.56 -5.12
CA PHE A 181 25.73 9.31 -6.58
C PHE A 181 26.85 8.42 -7.12
N THR A 182 26.86 7.14 -6.70
CA THR A 182 27.80 6.09 -7.17
C THR A 182 27.08 5.16 -8.14
N MET A 183 27.81 4.50 -9.04
CA MET A 183 27.22 3.55 -10.01
C MET A 183 26.64 2.34 -9.27
N LYS A 184 27.26 1.92 -8.17
CA LYS A 184 26.77 0.79 -7.34
C LYS A 184 25.38 1.14 -6.80
N ARG A 185 25.20 2.35 -6.25
CA ARG A 185 23.92 2.80 -5.66
C ARG A 185 22.89 2.99 -6.79
N TYR A 186 23.29 3.60 -7.91
CA TYR A 186 22.42 3.79 -9.10
C TYR A 186 21.86 2.43 -9.54
N SER A 187 22.75 1.45 -9.76
CA SER A 187 22.40 0.08 -10.21
C SER A 187 21.35 -0.51 -9.26
N SER A 188 21.55 -0.37 -7.96
CA SER A 188 20.63 -0.90 -6.91
C SER A 188 19.28 -0.18 -7.00
N ILE A 189 19.27 1.15 -7.12
CA ILE A 189 18.00 1.92 -7.24
C ILE A 189 17.22 1.40 -8.44
N VAL A 190 17.86 1.28 -9.60
CA VAL A 190 17.17 0.87 -10.86
C VAL A 190 16.57 -0.54 -10.68
N LYS A 191 17.39 -1.47 -10.16
CA LYS A 191 16.97 -2.87 -9.93
C LYS A 191 15.70 -2.91 -9.08
N TYR A 192 15.72 -2.30 -7.89
CA TYR A 192 14.64 -2.43 -6.89
C TYR A 192 13.46 -1.50 -7.24
N LYS A 193 13.72 -0.26 -7.62
CA LYS A 193 12.65 0.75 -7.83
C LYS A 193 11.88 0.49 -9.13
N THR A 194 12.53 -0.02 -10.19
CA THR A 194 11.90 -0.07 -11.54
C THR A 194 11.98 -1.47 -12.18
N SER A 195 13.14 -2.14 -12.16
CA SER A 195 13.34 -3.38 -12.96
C SER A 195 12.44 -4.50 -12.45
N TYR A 196 12.23 -4.63 -11.14
CA TYR A 196 11.42 -5.73 -10.56
C TYR A 196 9.97 -5.62 -11.09
N TYR A 197 9.33 -4.46 -10.98
CA TYR A 197 7.89 -4.32 -11.34
C TYR A 197 7.74 -4.17 -12.86
N THR A 198 8.74 -3.60 -13.55
CA THR A 198 8.67 -3.29 -15.01
C THR A 198 8.99 -4.54 -15.84
N PHE A 199 10.03 -5.30 -15.47
CA PHE A 199 10.57 -6.42 -16.28
C PHE A 199 10.30 -7.79 -15.64
N GLN A 200 10.67 -7.98 -14.36
CA GLN A 200 10.54 -9.31 -13.70
C GLN A 200 9.06 -9.67 -13.57
N LEU A 201 8.23 -8.73 -13.12
CA LEU A 201 6.82 -9.01 -12.75
C LEU A 201 6.03 -9.50 -13.97
N PRO A 202 6.01 -8.81 -15.14
CA PRO A 202 5.29 -9.32 -16.30
C PRO A 202 5.73 -10.72 -16.73
N VAL A 203 7.03 -10.99 -16.74
CA VAL A 203 7.59 -12.29 -17.23
C VAL A 203 7.26 -13.40 -16.22
N SER A 204 7.49 -13.17 -14.93
CA SER A 204 7.19 -14.16 -13.86
C SER A 204 5.69 -14.47 -13.82
N LEU A 205 4.83 -13.47 -14.05
CA LEU A 205 3.37 -13.66 -14.15
C LEU A 205 3.04 -14.59 -15.33
N GLY A 206 3.62 -14.33 -16.50
CA GLY A 206 3.46 -15.20 -17.69
C GLY A 206 3.88 -16.63 -17.38
N MET A 207 5.00 -16.78 -16.66
CA MET A 207 5.56 -18.10 -16.31
C MET A 207 4.58 -18.84 -15.38
N TYR A 208 4.11 -18.19 -14.32
CA TYR A 208 3.18 -18.80 -13.34
C TYR A 208 1.87 -19.21 -14.03
N LEU A 209 1.30 -18.36 -14.88
CA LEU A 209 0.04 -18.67 -15.60
C LEU A 209 0.25 -19.89 -16.51
N ALA A 210 1.48 -20.05 -17.03
CA ALA A 210 1.91 -21.20 -17.86
C ALA A 210 2.36 -22.38 -16.98
N ASP A 211 2.14 -22.30 -15.66
CA ASP A 211 2.46 -23.35 -14.66
C ASP A 211 3.96 -23.68 -14.67
N MET A 212 4.80 -22.67 -14.84
CA MET A 212 6.28 -22.78 -14.72
C MET A 212 6.69 -22.24 -13.33
N TYR A 213 6.95 -23.14 -12.38
CA TYR A 213 7.16 -22.82 -10.94
C TYR A 213 8.62 -23.06 -10.52
N ASP A 214 9.46 -23.58 -11.42
CA ASP A 214 10.89 -23.88 -11.16
C ASP A 214 11.60 -22.57 -10.79
N PRO A 215 12.05 -22.40 -9.52
CA PRO A 215 12.72 -21.17 -9.11
C PRO A 215 13.95 -20.83 -9.97
N GLU A 216 14.66 -21.85 -10.46
CA GLU A 216 15.89 -21.71 -11.31
C GLU A 216 15.52 -21.04 -12.64
N GLN A 217 14.36 -21.36 -13.21
CA GLN A 217 13.84 -20.73 -14.46
C GLN A 217 13.61 -19.24 -14.20
N HIS A 218 12.93 -18.90 -13.09
CA HIS A 218 12.65 -17.51 -12.65
C HIS A 218 13.98 -16.77 -12.41
N ARG A 219 14.97 -17.46 -11.83
CA ARG A 219 16.32 -16.90 -11.53
C ARG A 219 17.06 -16.58 -12.83
N GLN A 220 17.07 -17.52 -13.79
CA GLN A 220 17.73 -17.33 -15.12
C GLN A 220 17.08 -16.13 -15.83
N ALA A 221 15.75 -16.06 -15.83
CA ALA A 221 14.98 -14.93 -16.42
C ALA A 221 15.42 -13.63 -15.74
N LYS A 222 15.50 -13.62 -14.40
CA LYS A 222 15.84 -12.43 -13.57
C LYS A 222 17.21 -11.88 -13.99
N THR A 223 18.22 -12.74 -14.13
CA THR A 223 19.60 -12.36 -14.52
C THR A 223 19.54 -11.48 -15.77
N ILE A 224 18.81 -11.92 -16.81
CA ILE A 224 18.68 -11.22 -18.12
C ILE A 224 17.86 -9.94 -17.94
N LEU A 225 16.69 -10.06 -17.28
CA LEU A 225 15.70 -8.96 -17.20
C LEU A 225 16.28 -7.78 -16.41
N MET A 226 17.10 -8.04 -15.39
CA MET A 226 17.76 -6.97 -14.59
C MET A 226 18.80 -6.24 -15.46
N GLU A 227 19.50 -6.95 -16.35
CA GLU A 227 20.48 -6.33 -17.29
C GLU A 227 19.74 -5.44 -18.30
N ILE A 228 18.65 -5.95 -18.90
CA ILE A 228 17.82 -5.18 -19.88
C ILE A 228 17.21 -3.97 -19.16
N GLY A 229 16.71 -4.16 -17.94
CA GLY A 229 16.10 -3.10 -17.13
C GLY A 229 17.07 -1.98 -16.85
N GLU A 230 18.33 -2.33 -16.58
CA GLU A 230 19.42 -1.34 -16.34
C GLU A 230 19.63 -0.50 -17.60
N PHE A 231 19.76 -1.13 -18.77
CA PHE A 231 19.93 -0.38 -20.03
C PHE A 231 18.71 0.52 -20.25
N PHE A 232 17.51 -0.01 -20.06
CA PHE A 232 16.24 0.73 -20.27
C PHE A 232 16.30 2.06 -19.50
N GLN A 233 16.63 2.01 -18.21
CA GLN A 233 16.61 3.23 -17.35
C GLN A 233 17.75 4.16 -17.75
N ILE A 234 18.92 3.62 -18.11
CA ILE A 234 20.09 4.45 -18.52
C ILE A 234 19.73 5.19 -19.81
N GLN A 235 19.15 4.50 -20.80
CA GLN A 235 18.67 5.12 -22.06
C GLN A 235 17.65 6.23 -21.73
N ASN A 236 16.71 5.93 -20.82
CA ASN A 236 15.65 6.87 -20.37
C ASN A 236 16.32 8.11 -19.76
N ASP A 237 17.30 7.90 -18.89
CA ASP A 237 18.06 9.00 -18.21
C ASP A 237 18.79 9.84 -19.28
N PHE A 238 19.46 9.18 -20.22
CA PHE A 238 20.22 9.84 -21.31
C PHE A 238 19.29 10.76 -22.11
N LEU A 239 18.13 10.24 -22.54
CA LEU A 239 17.18 10.97 -23.42
C LEU A 239 16.50 12.11 -22.64
N ASP A 240 16.45 12.05 -21.32
CA ASP A 240 15.85 13.14 -20.50
C ASP A 240 16.57 14.46 -20.82
N ALA A 241 17.89 14.41 -20.98
CA ALA A 241 18.76 15.59 -21.22
C ALA A 241 18.99 15.80 -22.73
N PHE A 242 19.12 14.71 -23.50
CA PHE A 242 19.66 14.72 -24.89
C PHE A 242 18.61 14.32 -25.93
N GLY A 243 17.39 13.97 -25.53
CA GLY A 243 16.28 13.63 -26.44
C GLY A 243 15.74 14.87 -27.15
N ASP A 244 14.97 14.67 -28.22
CA ASP A 244 14.31 15.78 -28.98
C ASP A 244 12.89 15.96 -28.44
N SER A 245 12.59 17.14 -27.89
CA SER A 245 11.31 17.51 -27.23
C SER A 245 10.26 17.90 -28.28
N THR A 248 9.41 13.89 -29.16
CA THR A 248 8.76 13.10 -28.08
C THR A 248 7.61 13.90 -27.46
N GLY A 249 7.70 15.23 -27.44
CA GLY A 249 6.70 16.13 -26.83
C GLY A 249 6.80 16.15 -25.32
N LYS A 250 7.93 15.70 -24.77
CA LYS A 250 8.30 15.79 -23.32
C LYS A 250 9.46 16.76 -23.18
N VAL A 251 9.49 17.53 -22.08
CA VAL A 251 10.64 18.40 -21.69
C VAL A 251 11.23 17.85 -20.39
N GLY A 252 12.50 17.43 -20.43
CA GLY A 252 13.16 16.69 -19.33
C GLY A 252 13.47 17.59 -18.14
N THR A 253 13.14 17.13 -16.93
CA THR A 253 13.27 17.90 -15.67
C THR A 253 14.13 17.15 -14.65
N ASP A 254 14.85 16.10 -15.05
CA ASP A 254 15.68 15.26 -14.13
C ASP A 254 16.70 16.15 -13.39
N ILE A 255 17.34 17.09 -14.09
CA ILE A 255 18.43 17.95 -13.53
C ILE A 255 17.82 18.85 -12.44
N LYS A 256 16.75 19.58 -12.78
CA LYS A 256 15.95 20.45 -11.87
C LYS A 256 15.54 19.65 -10.63
N GLU A 257 15.15 18.39 -10.82
CA GLU A 257 14.61 17.50 -9.75
C GLU A 257 15.76 16.94 -8.89
N GLY A 258 17.01 17.08 -9.33
CA GLY A 258 18.21 16.59 -8.60
C GLY A 258 18.26 15.08 -8.55
N LYS A 259 17.79 14.39 -9.59
CA LYS A 259 17.70 12.91 -9.61
C LYS A 259 19.10 12.29 -9.64
N CYS A 260 19.25 11.12 -9.02
CA CYS A 260 20.44 10.23 -9.18
C CYS A 260 20.35 9.56 -10.56
N SER A 261 20.60 10.34 -11.61
CA SER A 261 20.54 9.93 -13.03
C SER A 261 21.88 9.29 -13.43
N TRP A 262 21.87 8.38 -14.39
CA TRP A 262 23.10 7.80 -14.99
C TRP A 262 24.03 8.94 -15.42
N LEU A 263 23.47 9.99 -16.05
CA LEU A 263 24.25 11.17 -16.51
C LEU A 263 25.00 11.81 -15.33
N ALA A 264 24.29 12.09 -14.23
CA ALA A 264 24.86 12.73 -13.03
C ALA A 264 25.96 11.84 -12.43
N VAL A 265 25.72 10.53 -12.34
CA VAL A 265 26.68 9.53 -11.78
C VAL A 265 27.96 9.55 -12.63
N VAL A 266 27.83 9.38 -13.94
CA VAL A 266 29.00 9.29 -14.86
C VAL A 266 29.70 10.65 -14.92
N ALA A 267 28.95 11.75 -14.87
CA ALA A 267 29.51 13.12 -14.83
C ALA A 267 30.47 13.24 -13.64
N LEU A 268 30.06 12.77 -12.46
CA LEU A 268 30.88 12.83 -11.23
C LEU A 268 32.11 11.92 -11.37
N GLN A 269 31.98 10.78 -12.05
CA GLN A 269 33.13 9.86 -12.31
C GLN A 269 34.19 10.57 -13.16
N ARG A 270 33.77 11.34 -14.16
CA ARG A 270 34.65 11.91 -15.22
C ARG A 270 35.13 13.31 -14.85
N SER A 271 34.52 13.95 -13.83
CA SER A 271 34.73 15.38 -13.50
C SER A 271 36.09 15.58 -12.80
N ASN A 272 36.80 16.66 -13.16
CA ASN A 272 37.93 17.20 -12.36
C ASN A 272 37.33 18.00 -11.21
N PRO A 273 38.14 18.46 -10.22
CA PRO A 273 37.60 19.20 -9.08
C PRO A 273 36.74 20.42 -9.44
N ALA A 274 37.15 21.21 -10.44
CA ALA A 274 36.42 22.42 -10.90
C ALA A 274 35.05 22.01 -11.46
N GLN A 275 34.99 20.93 -12.24
CA GLN A 275 33.76 20.37 -12.85
C GLN A 275 32.85 19.80 -11.75
N ARG A 276 33.44 19.14 -10.75
CA ARG A 276 32.73 18.64 -9.55
C ARG A 276 32.03 19.81 -8.84
N GLN A 277 32.70 20.96 -8.72
CA GLN A 277 32.16 22.16 -8.02
C GLN A 277 30.94 22.71 -8.78
N ILE A 278 30.91 22.59 -10.11
CA ILE A 278 29.75 23.04 -10.95
C ILE A 278 28.54 22.17 -10.59
N MET A 279 28.72 20.85 -10.49
CA MET A 279 27.64 19.91 -10.08
C MET A 279 27.16 20.29 -8.67
N GLU A 280 28.09 20.50 -7.73
CA GLU A 280 27.75 20.85 -6.32
C GLU A 280 26.90 22.12 -6.29
N GLU A 281 27.26 23.13 -7.09
CA GLU A 281 26.62 24.48 -7.07
C GLU A 281 25.27 24.47 -7.80
N HIS A 282 25.14 23.72 -8.91
CA HIS A 282 24.04 23.91 -9.89
C HIS A 282 23.11 22.71 -10.01
N TYR A 283 23.51 21.52 -9.58
CA TYR A 283 22.64 20.30 -9.73
C TYR A 283 21.49 20.36 -8.73
N GLY A 284 20.27 20.12 -9.22
CA GLY A 284 19.04 20.08 -8.40
C GLY A 284 18.55 21.46 -8.01
N ARG A 285 18.87 22.49 -8.80
CA ARG A 285 18.42 23.89 -8.59
C ARG A 285 17.25 24.19 -9.52
N PRO A 286 16.30 25.06 -9.10
CA PRO A 286 15.11 25.37 -9.89
C PRO A 286 15.34 26.33 -11.07
N GLU A 287 16.42 27.11 -11.04
CA GLU A 287 16.71 28.18 -12.05
C GLU A 287 17.00 27.52 -13.40
N PRO A 288 16.32 27.95 -14.50
CA PRO A 288 16.61 27.42 -15.83
C PRO A 288 18.09 27.49 -16.23
N GLU A 289 18.81 28.54 -15.80
CA GLU A 289 20.25 28.75 -16.14
C GLU A 289 21.08 27.62 -15.51
N SER A 290 20.68 27.12 -14.34
CA SER A 290 21.39 26.03 -13.61
C SER A 290 21.25 24.70 -14.38
N THR A 291 20.07 24.41 -14.93
CA THR A 291 19.82 23.24 -15.81
C THR A 291 20.71 23.35 -17.05
N GLN A 292 20.78 24.54 -17.65
CA GLN A 292 21.59 24.84 -18.86
C GLN A 292 23.07 24.56 -18.55
N ILE A 293 23.56 24.99 -17.39
CA ILE A 293 24.98 24.83 -16.95
C ILE A 293 25.29 23.33 -16.84
N ILE A 294 24.40 22.55 -16.22
CA ILE A 294 24.60 21.07 -16.04
C ILE A 294 24.63 20.41 -17.41
N LYS A 295 23.65 20.70 -18.27
CA LYS A 295 23.57 20.17 -19.66
C LYS A 295 24.90 20.46 -20.39
N ASN A 296 25.37 21.70 -20.30
CA ASN A 296 26.64 22.15 -20.93
C ASN A 296 27.81 21.33 -20.38
N LEU A 297 27.82 21.04 -19.07
CA LEU A 297 28.89 20.20 -18.46
C LEU A 297 28.83 18.77 -19.00
N TYR A 298 27.63 18.20 -19.13
CA TYR A 298 27.43 16.83 -19.68
C TYR A 298 28.02 16.76 -21.10
N ILE A 299 27.79 17.79 -21.91
CA ILE A 299 28.35 17.91 -23.29
C ILE A 299 29.88 17.98 -23.20
N GLU A 300 30.40 18.89 -22.36
CA GLU A 300 31.85 19.09 -22.11
C GLU A 300 32.52 17.76 -21.73
N LEU A 301 31.86 16.95 -20.90
CA LEU A 301 32.43 15.68 -20.35
C LEU A 301 32.28 14.52 -21.36
N GLY A 302 31.67 14.76 -22.52
CA GLY A 302 31.53 13.75 -23.59
C GLY A 302 30.61 12.61 -23.19
N LEU A 303 29.51 12.91 -22.47
CA LEU A 303 28.55 11.88 -22.02
C LEU A 303 27.81 11.30 -23.24
N PRO A 304 27.48 12.07 -24.29
CA PRO A 304 26.88 11.49 -25.49
C PRO A 304 27.71 10.33 -26.08
N ALA A 305 29.02 10.54 -26.24
CA ALA A 305 29.97 9.51 -26.73
C ALA A 305 30.01 8.31 -25.76
N THR A 306 30.03 8.58 -24.46
CA THR A 306 30.09 7.55 -23.39
C THR A 306 28.84 6.67 -23.47
N PHE A 307 27.66 7.27 -23.70
CA PHE A 307 26.38 6.53 -23.83
C PHE A 307 26.41 5.66 -25.08
N ALA A 308 26.86 6.20 -26.21
CA ALA A 308 26.96 5.49 -27.51
C ALA A 308 27.75 4.19 -27.33
N VAL A 309 28.88 4.25 -26.62
CA VAL A 309 29.78 3.09 -26.34
C VAL A 309 29.01 2.10 -25.44
N TYR A 310 28.42 2.58 -24.34
CA TYR A 310 27.66 1.74 -23.38
C TYR A 310 26.52 1.03 -24.12
N GLU A 311 25.80 1.75 -25.00
CA GLU A 311 24.64 1.22 -25.76
C GLU A 311 25.07 0.02 -26.62
N GLU A 312 26.22 0.13 -27.30
CA GLU A 312 26.71 -0.95 -28.21
C GLU A 312 27.26 -2.13 -27.39
N GLU A 313 28.05 -1.85 -26.36
CA GLU A 313 28.69 -2.88 -25.49
C GLU A 313 27.62 -3.67 -24.75
N SER A 314 26.67 -2.98 -24.11
CA SER A 314 25.58 -3.61 -23.30
C SER A 314 24.72 -4.51 -24.20
N PHE A 315 24.40 -4.05 -25.42
CA PHE A 315 23.63 -4.82 -26.41
C PHE A 315 24.32 -6.17 -26.67
N ASN A 316 25.63 -6.13 -26.93
CA ASN A 316 26.45 -7.33 -27.24
C ASN A 316 26.51 -8.26 -26.03
N ILE A 317 26.74 -7.71 -24.83
CA ILE A 317 26.87 -8.48 -23.56
C ILE A 317 25.55 -9.21 -23.27
N ILE A 318 24.42 -8.51 -23.38
CA ILE A 318 23.07 -9.09 -23.07
C ILE A 318 22.73 -10.15 -24.12
N ARG A 319 23.00 -9.88 -25.40
CA ARG A 319 22.75 -10.82 -26.52
C ARG A 319 23.50 -12.14 -26.24
N THR A 320 24.76 -12.04 -25.81
CA THR A 320 25.63 -13.19 -25.42
C THR A 320 24.96 -13.97 -24.28
N HIS A 321 24.48 -13.27 -23.25
CA HIS A 321 23.86 -13.88 -22.04
C HIS A 321 22.57 -14.62 -22.42
N ILE A 322 21.78 -14.09 -23.36
CA ILE A 322 20.49 -14.70 -23.81
C ILE A 322 20.80 -16.02 -24.53
N HIS A 323 21.84 -16.06 -25.38
CA HIS A 323 22.30 -17.29 -26.07
C HIS A 323 22.67 -18.38 -25.06
N GLN A 324 23.12 -17.99 -23.86
CA GLN A 324 23.60 -18.91 -22.79
C GLN A 324 22.44 -19.37 -21.88
N ILE A 325 21.23 -18.83 -22.06
CA ILE A 325 20.03 -19.20 -21.26
C ILE A 325 19.68 -20.66 -21.55
N SER A 326 19.25 -21.40 -20.53
CA SER A 326 18.96 -22.85 -20.57
C SER A 326 17.76 -23.17 -19.68
N LYS A 327 17.60 -24.43 -19.28
CA LYS A 327 16.46 -24.98 -18.50
C LYS A 327 15.14 -24.66 -19.23
N GLY A 328 15.16 -24.76 -20.56
CA GLY A 328 13.97 -24.76 -21.44
C GLY A 328 13.27 -23.41 -21.50
N LEU A 329 13.97 -22.31 -21.24
CA LEU A 329 13.43 -20.93 -21.39
C LEU A 329 13.53 -20.52 -22.86
N PRO A 330 12.45 -19.95 -23.45
CA PRO A 330 12.48 -19.54 -24.86
C PRO A 330 13.34 -18.28 -25.05
N HIS A 331 14.37 -18.36 -25.91
CA HIS A 331 15.30 -17.24 -26.22
C HIS A 331 14.55 -16.10 -26.92
N ASP A 332 13.58 -16.45 -27.77
CA ASP A 332 12.80 -15.48 -28.60
C ASP A 332 12.14 -14.42 -27.71
N LEU A 333 11.63 -14.82 -26.53
CA LEU A 333 11.00 -13.88 -25.57
C LEU A 333 12.00 -12.78 -25.20
N PHE A 334 13.21 -13.17 -24.80
CA PHE A 334 14.26 -12.25 -24.28
C PHE A 334 14.85 -11.42 -25.43
N PHE A 335 15.00 -12.01 -26.61
CA PHE A 335 15.42 -11.28 -27.84
C PHE A 335 14.37 -10.22 -28.19
N LYS A 336 13.08 -10.56 -28.11
CA LYS A 336 11.96 -9.65 -28.44
C LYS A 336 11.95 -8.47 -27.46
N ILE A 337 12.17 -8.71 -26.16
CA ILE A 337 12.26 -7.64 -25.14
C ILE A 337 13.46 -6.75 -25.49
N MET A 338 14.61 -7.36 -25.79
CA MET A 338 15.87 -6.66 -26.15
C MET A 338 15.61 -5.76 -27.37
N LYS A 339 14.89 -6.26 -28.38
CA LYS A 339 14.62 -5.53 -29.65
C LYS A 339 13.75 -4.30 -29.38
N LYS A 340 12.70 -4.42 -28.57
CA LYS A 340 11.71 -3.32 -28.34
C LYS A 340 12.34 -2.22 -27.47
N ILE A 341 13.36 -2.54 -26.66
CA ILE A 341 14.07 -1.57 -25.78
C ILE A 341 15.16 -0.87 -26.61
N TYR A 342 16.04 -1.64 -27.25
CA TYR A 342 17.19 -1.13 -28.05
C TYR A 342 16.71 -0.62 -29.42
N LYS A 343 15.50 -1.03 -29.84
CA LYS A 343 14.89 -0.69 -31.15
C LYS A 343 15.82 -1.14 -32.28
N ARG A 344 16.30 -2.39 -32.22
CA ARG A 344 17.09 -3.06 -33.27
C ARG A 344 17.20 -4.56 -32.96
N PHE B 3 -5.06 -8.82 29.82
CA PHE B 3 -3.87 -9.56 29.30
C PHE B 3 -2.90 -9.83 30.47
N SER B 4 -2.52 -11.10 30.66
CA SER B 4 -1.63 -11.57 31.75
C SER B 4 -0.19 -11.13 31.48
N LYS B 5 0.65 -11.12 32.52
CA LYS B 5 2.10 -10.79 32.44
C LYS B 5 2.78 -11.74 31.46
N GLU B 6 2.51 -13.04 31.59
CA GLU B 6 3.11 -14.12 30.76
C GLU B 6 2.73 -13.92 29.29
N GLU B 7 1.44 -13.73 29.00
CA GLU B 7 0.90 -13.51 27.63
C GLU B 7 1.57 -12.29 26.99
N SER B 8 1.61 -11.17 27.71
CA SER B 8 2.18 -9.88 27.24
C SER B 8 3.68 -10.03 26.94
N ARG B 9 4.43 -10.62 27.88
CA ARG B 9 5.91 -10.75 27.74
C ARG B 9 6.23 -11.70 26.58
N GLU B 10 5.53 -12.82 26.45
CA GLU B 10 5.75 -13.80 25.35
C GLU B 10 5.47 -13.11 24.01
N PHE B 11 4.38 -12.35 23.92
CA PHE B 11 4.00 -11.60 22.70
C PHE B 11 5.09 -10.59 22.34
N MET B 12 5.51 -9.76 23.30
CA MET B 12 6.47 -8.66 23.00
C MET B 12 7.83 -9.26 22.58
N ALA B 13 8.17 -10.46 23.05
CA ALA B 13 9.46 -11.14 22.79
C ALA B 13 9.58 -11.56 21.31
N ILE B 14 8.46 -11.65 20.59
CA ILE B 14 8.42 -12.04 19.15
C ILE B 14 8.95 -10.88 18.28
N PHE B 15 8.74 -9.63 18.69
CA PHE B 15 8.96 -8.45 17.80
C PHE B 15 10.37 -8.42 17.24
N PRO B 16 11.45 -8.58 18.04
CA PRO B 16 12.81 -8.52 17.49
C PRO B 16 13.05 -9.55 16.38
N ASP B 17 12.39 -10.72 16.44
CA ASP B 17 12.52 -11.78 15.40
C ASP B 17 11.89 -11.28 14.10
N ILE B 18 10.73 -10.64 14.19
CA ILE B 18 9.99 -10.10 13.01
C ILE B 18 10.86 -9.04 12.32
N VAL B 19 11.53 -8.16 13.09
CA VAL B 19 12.45 -7.15 12.50
C VAL B 19 13.58 -7.88 11.75
N ARG B 20 14.19 -8.89 12.36
CA ARG B 20 15.31 -9.67 11.74
C ARG B 20 14.80 -10.35 10.46
N ASP B 21 13.59 -10.90 10.51
CA ASP B 21 12.94 -11.60 9.36
C ASP B 21 12.83 -10.65 8.17
N LEU B 22 12.42 -9.40 8.42
CA LEU B 22 12.07 -8.41 7.37
C LEU B 22 13.31 -7.65 6.87
N THR B 23 14.41 -7.64 7.62
CA THR B 23 15.59 -6.80 7.27
C THR B 23 16.75 -7.73 6.92
N ASP B 24 16.42 -8.89 6.34
CA ASP B 24 17.30 -9.84 5.60
C ASP B 24 18.45 -10.31 6.50
N ALA B 25 18.18 -10.59 7.78
CA ALA B 25 19.14 -11.20 8.72
C ALA B 25 19.36 -12.68 8.34
N GLY B 26 20.60 -13.05 7.98
CA GLY B 26 20.97 -14.38 7.48
C GLY B 26 21.31 -14.33 6.00
N ARG B 27 20.47 -13.66 5.20
CA ARG B 27 20.72 -13.31 3.78
C ARG B 27 21.70 -12.13 3.74
N HIS B 28 22.68 -12.15 2.84
CA HIS B 28 23.71 -11.10 2.69
C HIS B 28 23.32 -10.16 1.54
N THR B 29 22.61 -9.07 1.88
CA THR B 29 21.88 -8.17 0.95
C THR B 29 22.84 -7.24 0.21
N ASP B 30 22.45 -6.81 -0.99
CA ASP B 30 23.20 -5.84 -1.84
C ASP B 30 22.76 -4.40 -1.49
N ILE B 31 21.74 -4.23 -0.64
CA ILE B 31 21.19 -2.90 -0.25
C ILE B 31 21.13 -2.78 1.28
N PRO B 32 22.28 -2.88 1.98
CA PRO B 32 22.28 -2.85 3.45
C PRO B 32 21.85 -1.52 4.10
N GLU B 33 22.10 -0.37 3.45
CA GLU B 33 21.83 0.96 4.07
C GLU B 33 20.30 1.18 4.15
N VAL B 34 19.55 0.83 3.10
CA VAL B 34 18.08 1.04 3.08
C VAL B 34 17.41 -0.05 3.93
N THR B 35 18.03 -1.24 4.04
CA THR B 35 17.51 -2.36 4.87
C THR B 35 17.67 -1.99 6.34
N LYS B 36 18.81 -1.40 6.70
CA LYS B 36 19.07 -0.87 8.08
C LYS B 36 18.07 0.25 8.39
N ARG B 37 17.78 1.11 7.41
CA ARG B 37 16.79 2.20 7.61
C ARG B 37 15.42 1.57 7.89
N PHE B 38 15.03 0.53 7.15
CA PHE B 38 13.70 -0.09 7.33
C PHE B 38 13.60 -0.70 8.73
N ALA B 39 14.69 -1.29 9.24
CA ALA B 39 14.75 -1.81 10.63
C ALA B 39 14.35 -0.68 11.60
N LYS B 40 14.91 0.52 11.40
CA LYS B 40 14.63 1.68 12.28
C LYS B 40 13.17 2.10 12.13
N VAL B 41 12.63 2.09 10.90
CA VAL B 41 11.20 2.42 10.64
C VAL B 41 10.33 1.48 11.49
N LEU B 42 10.59 0.18 11.45
CA LEU B 42 9.82 -0.85 12.21
C LEU B 42 10.01 -0.59 13.71
N GLN B 43 11.24 -0.44 14.16
CA GLN B 43 11.59 -0.31 15.61
C GLN B 43 10.95 0.94 16.21
N TYR B 44 10.92 2.04 15.46
N TYR B 44 10.96 2.06 15.47
CA TYR B 44 10.50 3.37 16.00
CA TYR B 44 10.46 3.39 15.94
C TYR B 44 8.97 3.50 15.97
C TYR B 44 8.94 3.35 16.09
N ASN B 45 8.25 2.72 15.14
CA ASN B 45 6.80 2.92 14.86
C ASN B 45 5.90 1.74 15.26
N VAL B 46 6.42 0.51 15.37
CA VAL B 46 5.56 -0.70 15.50
C VAL B 46 5.39 -1.21 16.94
N PRO B 47 6.44 -1.29 17.80
CA PRO B 47 6.32 -2.01 19.07
C PRO B 47 6.00 -1.19 20.33
N THR B 48 5.70 0.11 20.18
CA THR B 48 5.54 1.07 21.31
C THR B 48 4.06 1.14 21.71
N GLY B 49 3.77 1.43 22.98
CA GLY B 49 2.38 1.46 23.50
C GLY B 49 1.84 0.07 23.80
N LYS B 50 0.51 -0.07 23.93
CA LYS B 50 -0.16 -1.21 24.63
C LYS B 50 -0.27 -2.49 23.77
N LYS B 51 -0.39 -2.36 22.45
CA LYS B 51 -0.52 -3.48 21.46
C LYS B 51 -1.80 -4.30 21.70
N THR B 52 -2.93 -3.64 21.90
CA THR B 52 -4.24 -4.27 22.23
C THR B 52 -4.70 -5.18 21.09
N ARG B 53 -4.56 -4.74 19.84
CA ARG B 53 -5.04 -5.54 18.66
C ARG B 53 -4.20 -6.81 18.54
N GLY B 54 -2.88 -6.70 18.70
CA GLY B 54 -1.96 -7.85 18.62
C GLY B 54 -2.26 -8.86 19.71
N LEU B 55 -2.35 -8.41 20.95
CA LEU B 55 -2.62 -9.31 22.10
C LEU B 55 -4.04 -9.89 21.99
N SER B 56 -5.00 -9.14 21.46
CA SER B 56 -6.40 -9.61 21.27
C SER B 56 -6.42 -10.79 20.30
N THR B 57 -5.50 -10.83 19.34
CA THR B 57 -5.36 -11.95 18.38
C THR B 57 -4.94 -13.21 19.14
N VAL B 58 -3.95 -13.08 20.03
CA VAL B 58 -3.45 -14.21 20.86
C VAL B 58 -4.58 -14.71 21.76
N ILE B 59 -5.27 -13.80 22.47
CA ILE B 59 -6.35 -14.16 23.44
C ILE B 59 -7.48 -14.86 22.67
N ALA B 60 -7.88 -14.31 21.51
CA ALA B 60 -8.94 -14.91 20.66
C ALA B 60 -8.56 -16.36 20.35
N TYR B 61 -7.34 -16.59 19.85
CA TYR B 61 -6.86 -17.95 19.49
C TYR B 61 -6.93 -18.86 20.72
N LYS B 62 -6.43 -18.40 21.86
CA LYS B 62 -6.37 -19.21 23.11
C LYS B 62 -7.77 -19.59 23.58
N MET B 63 -8.78 -18.78 23.28
CA MET B 63 -10.17 -19.01 23.76
C MET B 63 -11.02 -19.74 22.71
N LEU B 64 -10.50 -19.94 21.49
CA LEU B 64 -11.21 -20.63 20.37
C LEU B 64 -10.63 -22.02 20.13
N GLU B 65 -9.32 -22.19 20.29
CA GLU B 65 -8.60 -23.47 20.04
C GLU B 65 -8.99 -24.48 21.13
N LYS B 66 -8.94 -25.78 20.79
CA LYS B 66 -9.04 -26.89 21.77
C LYS B 66 -7.84 -26.79 22.72
N PRO B 67 -8.05 -26.84 24.06
CA PRO B 67 -6.94 -26.76 25.01
C PRO B 67 -5.76 -27.70 24.70
N GLU B 68 -6.02 -28.89 24.17
CA GLU B 68 -5.00 -29.92 23.84
C GLU B 68 -4.04 -29.39 22.76
N ASN B 69 -4.52 -28.49 21.89
CA ASN B 69 -3.78 -27.98 20.70
C ASN B 69 -3.02 -26.68 21.05
N LEU B 70 -3.17 -26.16 22.27
CA LEU B 70 -2.53 -24.88 22.69
C LEU B 70 -1.08 -25.12 23.11
N THR B 71 -0.22 -25.43 22.13
CA THR B 71 1.22 -25.65 22.34
C THR B 71 1.94 -24.30 22.35
N PRO B 72 3.15 -24.21 22.95
CA PRO B 72 3.96 -23.00 22.83
C PRO B 72 4.11 -22.53 21.37
N GLU B 73 4.28 -23.49 20.45
CA GLU B 73 4.51 -23.27 19.00
C GLU B 73 3.28 -22.57 18.38
N ASN B 74 2.07 -23.06 18.67
CA ASN B 74 0.81 -22.52 18.11
C ASN B 74 0.49 -21.15 18.75
N VAL B 75 0.73 -20.98 20.04
CA VAL B 75 0.51 -19.67 20.74
C VAL B 75 1.49 -18.65 20.16
N ARG B 76 2.72 -19.07 19.81
CA ARG B 76 3.71 -18.18 19.14
C ARG B 76 3.19 -17.80 17.74
N LEU B 77 2.61 -18.74 16.98
CA LEU B 77 2.03 -18.41 15.65
C LEU B 77 0.91 -17.37 15.82
N ALA B 78 0.07 -17.51 16.84
CA ALA B 78 -1.00 -16.53 17.15
C ALA B 78 -0.35 -15.16 17.41
N GLY B 79 0.76 -15.14 18.16
CA GLY B 79 1.54 -13.92 18.41
C GLY B 79 2.03 -13.28 17.11
N ILE B 80 2.52 -14.10 16.18
CA ILE B 80 3.01 -13.58 14.87
C ILE B 80 1.83 -12.95 14.11
N LEU B 81 0.67 -13.61 14.09
CA LEU B 81 -0.56 -13.03 13.46
C LEU B 81 -0.90 -11.70 14.14
N GLY B 82 -0.83 -11.64 15.48
CA GLY B 82 -1.05 -10.39 16.22
C GLY B 82 -0.11 -9.30 15.78
N TRP B 83 1.17 -9.61 15.56
CA TRP B 83 2.16 -8.62 15.07
C TRP B 83 1.83 -8.18 13.64
N CYS B 84 1.24 -9.05 12.82
CA CYS B 84 0.79 -8.66 11.45
C CYS B 84 -0.32 -7.62 11.56
N VAL B 85 -1.23 -7.77 12.54
CA VAL B 85 -2.27 -6.75 12.83
C VAL B 85 -1.58 -5.45 13.27
N GLU B 86 -0.56 -5.54 14.13
CA GLU B 86 0.16 -4.34 14.63
C GLU B 86 0.96 -3.69 13.50
N LEU B 87 1.44 -4.44 12.50
CA LEU B 87 2.11 -3.85 11.31
C LEU B 87 1.06 -3.05 10.52
N LEU B 88 -0.15 -3.59 10.34
CA LEU B 88 -1.26 -2.86 9.69
C LEU B 88 -1.56 -1.59 10.49
N GLN B 89 -1.72 -1.71 11.82
CA GLN B 89 -2.00 -0.55 12.72
C GLN B 89 -0.92 0.51 12.52
N ALA B 90 0.36 0.11 12.52
CA ALA B 90 1.50 1.04 12.38
C ALA B 90 1.41 1.75 11.02
N SER B 91 1.09 1.03 9.94
CA SER B 91 0.97 1.65 8.59
C SER B 91 -0.11 2.73 8.60
N LEU B 92 -1.23 2.48 9.29
CA LEU B 92 -2.38 3.43 9.38
C LEU B 92 -1.99 4.64 10.24
N LEU B 93 -1.28 4.43 11.35
CA LEU B 93 -0.81 5.54 12.23
C LEU B 93 0.23 6.39 11.49
N ILE B 94 1.11 5.77 10.69
CA ILE B 94 2.11 6.51 9.86
C ILE B 94 1.35 7.37 8.85
N MET B 95 0.35 6.81 8.18
CA MET B 95 -0.47 7.53 7.16
C MET B 95 -1.17 8.72 7.85
N ASP B 96 -1.64 8.54 9.09
CA ASP B 96 -2.23 9.62 9.94
C ASP B 96 -1.21 10.72 10.20
N ASP B 97 0.00 10.36 10.66
CA ASP B 97 1.10 11.30 11.00
C ASP B 97 1.49 12.11 9.75
N LEU B 98 1.51 11.47 8.58
CA LEU B 98 1.94 12.10 7.30
C LEU B 98 0.92 13.18 6.88
N MET B 99 -0.37 12.94 7.12
CA MET B 99 -1.45 13.91 6.83
C MET B 99 -1.48 15.03 7.90
N ASP B 100 -0.89 14.79 9.08
CA ASP B 100 -0.76 15.81 10.17
C ASP B 100 0.38 16.77 9.84
N ARG B 101 1.57 16.25 9.53
CA ARG B 101 2.79 17.05 9.20
C ARG B 101 2.85 17.27 7.68
N PHE B 119 11.63 11.20 10.94
CA PHE B 119 12.35 10.92 9.67
C PHE B 119 11.48 10.04 8.74
N LEU B 120 10.15 10.04 8.95
CA LEU B 120 9.19 9.19 8.18
C LEU B 120 9.09 9.72 6.74
N ALA B 121 9.24 8.81 5.77
CA ALA B 121 9.00 9.06 4.33
C ALA B 121 7.56 8.65 4.01
N ILE B 122 6.98 9.24 2.96
CA ILE B 122 5.56 9.00 2.59
C ILE B 122 5.36 7.51 2.27
N ASN B 123 6.32 6.86 1.61
CA ASN B 123 6.17 5.44 1.18
C ASN B 123 6.40 4.48 2.35
N ASP B 124 6.84 4.97 3.52
CA ASP B 124 6.99 4.09 4.71
C ASP B 124 5.64 3.45 5.08
N CYS B 125 4.50 4.13 4.91
CA CYS B 125 3.19 3.53 5.28
C CYS B 125 2.90 2.36 4.32
N LEU B 126 3.15 2.53 3.02
CA LEU B 126 2.96 1.43 2.03
C LEU B 126 3.91 0.27 2.36
N HIS B 127 5.17 0.58 2.65
CA HIS B 127 6.23 -0.42 2.91
C HIS B 127 5.90 -1.24 4.16
N VAL B 128 5.52 -0.58 5.25
CA VAL B 128 5.17 -1.26 6.54
C VAL B 128 3.93 -2.14 6.31
N GLU B 129 2.93 -1.63 5.61
CA GLU B 129 1.73 -2.44 5.26
C GLU B 129 2.16 -3.69 4.48
N SER B 130 2.96 -3.52 3.41
CA SER B 130 3.42 -4.63 2.53
CA SER B 130 3.40 -4.64 2.53
C SER B 130 4.16 -5.69 3.36
N SER B 131 4.91 -5.25 4.38
CA SER B 131 5.79 -6.12 5.17
C SER B 131 4.98 -7.21 5.90
N LEU B 132 3.71 -6.95 6.27
CA LEU B 132 2.92 -7.98 7.02
C LEU B 132 2.74 -9.21 6.13
N TYR B 133 2.64 -9.03 4.81
CA TYR B 133 2.42 -10.16 3.86
C TYR B 133 3.69 -11.01 3.76
N SER B 134 4.87 -10.41 3.90
CA SER B 134 6.17 -11.14 3.95
CA SER B 134 6.17 -11.14 3.96
C SER B 134 6.20 -12.01 5.23
N VAL B 135 5.73 -11.47 6.35
CA VAL B 135 5.66 -12.23 7.63
C VAL B 135 4.68 -13.40 7.47
N LEU B 136 3.51 -13.16 6.90
CA LEU B 136 2.49 -14.22 6.68
C LEU B 136 3.10 -15.33 5.81
N ARG B 137 3.74 -14.98 4.69
CA ARG B 137 4.36 -15.97 3.78
C ARG B 137 5.40 -16.78 4.55
N LYS B 138 6.24 -16.13 5.36
CA LYS B 138 7.34 -16.82 6.07
CA LYS B 138 7.34 -16.82 6.07
C LYS B 138 6.77 -17.91 6.98
N TYR B 139 5.75 -17.59 7.78
CA TYR B 139 5.33 -18.46 8.90
C TYR B 139 4.13 -19.34 8.55
N PHE B 140 3.27 -18.95 7.59
CA PHE B 140 1.94 -19.57 7.41
C PHE B 140 1.77 -20.24 6.04
N SER B 141 2.71 -20.07 5.10
CA SER B 141 2.50 -20.47 3.67
C SER B 141 2.25 -21.99 3.54
N HIS B 142 2.70 -22.81 4.50
CA HIS B 142 2.55 -24.29 4.43
C HIS B 142 1.38 -24.78 5.30
N LEU B 143 0.61 -23.87 5.92
CA LEU B 143 -0.50 -24.24 6.83
C LEU B 143 -1.84 -24.10 6.11
N PRO B 144 -2.84 -24.92 6.49
CA PRO B 144 -4.17 -24.87 5.87
C PRO B 144 -4.85 -23.49 5.95
N CYS B 145 -4.54 -22.70 6.99
CA CYS B 145 -5.19 -21.40 7.26
C CYS B 145 -4.59 -20.28 6.38
N TYR B 146 -3.55 -20.56 5.58
CA TYR B 146 -2.80 -19.51 4.84
C TYR B 146 -3.71 -18.69 3.93
N VAL B 147 -4.44 -19.32 3.00
CA VAL B 147 -5.21 -18.55 1.99
C VAL B 147 -6.34 -17.79 2.67
N PRO B 148 -7.15 -18.41 3.57
CA PRO B 148 -8.15 -17.65 4.31
C PRO B 148 -7.55 -16.42 5.03
N ILE B 149 -6.36 -16.56 5.61
CA ILE B 149 -5.72 -15.45 6.38
C ILE B 149 -5.28 -14.34 5.41
N ILE B 150 -4.60 -14.68 4.31
CA ILE B 150 -4.13 -13.62 3.36
C ILE B 150 -5.37 -12.95 2.72
N GLU B 151 -6.40 -13.71 2.39
CA GLU B 151 -7.64 -13.14 1.78
C GLU B 151 -8.34 -12.22 2.80
N LEU B 152 -8.31 -12.58 4.09
CA LEU B 152 -8.89 -11.72 5.16
C LEU B 152 -8.13 -10.40 5.21
N PHE B 153 -6.80 -10.43 5.21
CA PHE B 153 -5.97 -9.19 5.24
C PHE B 153 -6.25 -8.37 3.98
N HIS B 154 -6.31 -8.99 2.81
CA HIS B 154 -6.61 -8.27 1.54
C HIS B 154 -7.93 -7.51 1.67
N ASP B 155 -8.96 -8.20 2.18
CA ASP B 155 -10.34 -7.65 2.24
C ASP B 155 -10.38 -6.53 3.27
N VAL B 156 -9.80 -6.76 4.45
CA VAL B 156 -9.80 -5.75 5.55
C VAL B 156 -8.99 -4.53 5.10
N ASN B 157 -7.88 -4.73 4.40
CA ASN B 157 -7.04 -3.65 3.82
C ASN B 157 -7.92 -2.76 2.93
N PHE B 158 -8.58 -3.36 1.96
CA PHE B 158 -9.44 -2.66 0.96
C PHE B 158 -10.55 -1.90 1.70
N LYS B 159 -11.25 -2.56 2.61
CA LYS B 159 -12.39 -1.98 3.38
C LYS B 159 -11.90 -0.81 4.23
N THR B 160 -10.72 -0.92 4.85
CA THR B 160 -10.15 0.15 5.71
C THR B 160 -9.87 1.38 4.84
N ASN B 161 -9.32 1.20 3.64
CA ASN B 161 -9.06 2.31 2.69
C ASN B 161 -10.39 2.95 2.28
N MET B 162 -11.44 2.15 2.06
CA MET B 162 -12.80 2.65 1.72
CA MET B 162 -12.79 2.67 1.71
C MET B 162 -13.28 3.54 2.87
N GLY B 163 -13.07 3.08 4.11
CA GLY B 163 -13.47 3.80 5.33
C GLY B 163 -12.76 5.15 5.45
N GLN B 164 -11.45 5.17 5.21
CA GLN B 164 -10.62 6.41 5.24
C GLN B 164 -11.17 7.41 4.20
N SER B 165 -11.51 6.93 3.01
CA SER B 165 -12.06 7.79 1.92
C SER B 165 -13.47 8.28 2.29
N LEU B 166 -14.30 7.44 2.92
CA LEU B 166 -15.67 7.85 3.33
C LEU B 166 -15.57 8.97 4.37
N ASP B 167 -14.64 8.85 5.32
CA ASP B 167 -14.37 9.90 6.34
C ASP B 167 -14.00 11.20 5.62
N ALA B 168 -13.13 11.12 4.61
CA ALA B 168 -12.62 12.30 3.85
C ALA B 168 -13.76 12.98 3.08
N LEU B 169 -14.80 12.23 2.68
CA LEU B 169 -15.95 12.78 1.91
C LEU B 169 -16.85 13.67 2.80
N CYS B 170 -16.56 13.76 4.10
CA CYS B 170 -17.29 14.63 5.06
C CYS B 170 -16.66 16.03 5.13
N MET B 171 -15.57 16.26 4.38
CA MET B 171 -14.81 17.54 4.36
C MET B 171 -14.60 17.99 2.91
N LYS B 172 -14.64 19.30 2.67
CA LYS B 172 -14.39 19.91 1.33
C LYS B 172 -13.81 21.32 1.53
N ASP B 173 -12.70 21.62 0.86
CA ASP B 173 -12.03 22.95 0.91
C ASP B 173 -11.74 23.32 2.37
N GLY B 174 -11.32 22.35 3.18
CA GLY B 174 -10.87 22.55 4.58
C GLY B 174 -12.03 22.75 5.56
N ARG B 175 -13.28 22.62 5.10
CA ARG B 175 -14.51 22.84 5.91
C ARG B 175 -15.27 21.53 6.05
N PRO B 176 -15.89 21.25 7.22
CA PRO B 176 -16.78 20.10 7.34
C PRO B 176 -18.08 20.34 6.57
N ILE B 177 -18.59 19.31 5.89
CA ILE B 177 -19.88 19.35 5.13
C ILE B 177 -20.95 18.77 6.05
N LEU B 178 -21.62 19.61 6.86
CA LEU B 178 -22.48 19.15 7.96
C LEU B 178 -23.69 18.38 7.41
N SER B 179 -24.13 18.66 6.18
CA SER B 179 -25.24 17.92 5.51
C SER B 179 -24.88 16.43 5.38
N GLN B 180 -23.58 16.08 5.38
CA GLN B 180 -23.07 14.69 5.27
C GLN B 180 -23.06 14.00 6.63
N PHE B 181 -23.15 14.75 7.74
CA PHE B 181 -23.02 14.22 9.11
C PHE B 181 -24.33 13.53 9.53
N THR B 182 -24.63 12.40 8.90
CA THR B 182 -25.82 11.56 9.22
C THR B 182 -25.35 10.36 10.05
N MET B 183 -26.24 9.77 10.85
CA MET B 183 -25.90 8.58 11.66
C MET B 183 -25.57 7.41 10.73
N LYS B 184 -26.25 7.30 9.59
CA LYS B 184 -25.96 6.25 8.58
C LYS B 184 -24.51 6.38 8.12
N ARG B 185 -24.06 7.58 7.74
CA ARG B 185 -22.67 7.83 7.28
C ARG B 185 -21.71 7.55 8.44
N TYR B 186 -22.02 8.03 9.65
CA TYR B 186 -21.17 7.84 10.84
C TYR B 186 -20.94 6.34 11.05
N SER B 187 -22.02 5.55 11.10
CA SER B 187 -21.97 4.09 11.36
C SER B 187 -21.10 3.40 10.30
N SER B 188 -21.22 3.82 9.04
CA SER B 188 -20.43 3.26 7.91
C SER B 188 -18.94 3.61 8.08
N ILE B 189 -18.62 4.86 8.43
CA ILE B 189 -17.21 5.26 8.66
C ILE B 189 -16.62 4.35 9.76
N VAL B 190 -17.29 4.21 10.88
CA VAL B 190 -16.75 3.44 12.04
C VAL B 190 -16.54 1.99 11.59
N LYS B 191 -17.53 1.40 10.93
CA LYS B 191 -17.47 -0.02 10.48
C LYS B 191 -16.25 -0.22 9.58
N TYR B 192 -16.13 0.57 8.51
CA TYR B 192 -15.12 0.35 7.45
C TYR B 192 -13.74 0.85 7.91
N LYS B 193 -13.69 2.05 8.50
CA LYS B 193 -12.40 2.70 8.84
C LYS B 193 -11.73 2.00 10.03
N THR B 194 -12.51 1.45 10.97
CA THR B 194 -12.01 1.06 12.31
C THR B 194 -12.41 -0.36 12.70
N SER B 195 -13.70 -0.70 12.68
CA SER B 195 -14.21 -1.94 13.33
C SER B 195 -13.64 -3.19 12.63
N TYR B 196 -13.55 -3.20 11.31
CA TYR B 196 -13.08 -4.37 10.55
C TYR B 196 -11.67 -4.75 11.01
N TYR B 197 -10.72 -3.81 11.04
CA TYR B 197 -9.30 -4.13 11.30
C TYR B 197 -9.05 -4.21 12.82
N THR B 198 -9.84 -3.51 13.63
CA THR B 198 -9.61 -3.43 15.10
C THR B 198 -10.27 -4.60 15.81
N PHE B 199 -11.51 -4.96 15.45
CA PHE B 199 -12.32 -5.97 16.20
C PHE B 199 -12.46 -7.27 15.39
N GLN B 200 -12.90 -7.20 14.13
CA GLN B 200 -13.15 -8.44 13.33
C GLN B 200 -11.82 -9.16 13.06
N LEU B 201 -10.81 -8.43 12.62
CA LEU B 201 -9.54 -9.03 12.12
C LEU B 201 -8.90 -9.91 13.21
N PRO B 202 -8.63 -9.43 14.45
CA PRO B 202 -8.05 -10.31 15.47
C PRO B 202 -8.84 -11.60 15.73
N VAL B 203 -10.18 -11.52 15.79
CA VAL B 203 -11.03 -12.70 16.14
C VAL B 203 -11.06 -13.65 14.94
N SER B 204 -11.25 -13.15 13.71
CA SER B 204 -11.28 -14.01 12.50
C SER B 204 -9.91 -14.67 12.31
N LEU B 205 -8.80 -14.00 12.65
CA LEU B 205 -7.45 -14.62 12.59
C LEU B 205 -7.36 -15.76 13.60
N GLY B 206 -7.77 -15.53 14.85
CA GLY B 206 -7.82 -16.57 15.88
C GLY B 206 -8.61 -17.78 15.41
N MET B 207 -9.76 -17.53 14.78
CA MET B 207 -10.66 -18.59 14.29
C MET B 207 -9.95 -19.40 13.20
N TYR B 208 -9.34 -18.72 12.22
CA TYR B 208 -8.63 -19.41 11.10
C TYR B 208 -7.47 -20.24 11.65
N LEU B 209 -6.67 -19.71 12.59
CA LEU B 209 -5.52 -20.48 13.16
C LEU B 209 -6.05 -21.73 13.89
N ALA B 210 -7.24 -21.65 14.47
CA ALA B 210 -7.93 -22.77 15.16
C ALA B 210 -8.71 -23.62 14.14
N ASP B 211 -8.47 -23.43 12.84
CA ASP B 211 -9.08 -24.20 11.72
C ASP B 211 -10.61 -24.12 11.79
N MET B 212 -11.14 -22.94 12.13
CA MET B 212 -12.60 -22.63 12.11
C MET B 212 -12.88 -21.79 10.87
N TYR B 213 -13.41 -22.42 9.82
CA TYR B 213 -13.59 -21.82 8.46
C TYR B 213 -15.06 -21.54 8.16
N ASP B 214 -15.98 -22.06 8.98
CA ASP B 214 -17.45 -21.99 8.75
C ASP B 214 -17.84 -20.52 8.57
N PRO B 215 -18.32 -20.11 7.38
CA PRO B 215 -18.78 -18.73 7.17
C PRO B 215 -19.81 -18.23 8.19
N GLU B 216 -20.71 -19.11 8.65
CA GLU B 216 -21.78 -18.77 9.64
C GLU B 216 -21.14 -18.37 10.98
N GLN B 217 -20.06 -19.04 11.36
CA GLN B 217 -19.33 -18.72 12.62
C GLN B 217 -18.70 -17.33 12.50
N HIS B 218 -18.02 -17.06 11.38
CA HIS B 218 -17.38 -15.74 11.13
C HIS B 218 -18.46 -14.64 11.14
N ARG B 219 -19.62 -14.91 10.52
CA ARG B 219 -20.73 -13.93 10.42
C ARG B 219 -21.31 -13.66 11.82
N GLN B 220 -21.50 -14.69 12.63
CA GLN B 220 -22.02 -14.58 14.02
C GLN B 220 -21.09 -13.67 14.84
N ALA B 221 -19.77 -13.90 14.77
CA ALA B 221 -18.75 -13.09 15.49
C ALA B 221 -18.82 -11.65 14.97
N LYS B 222 -18.94 -11.47 13.65
CA LYS B 222 -18.91 -10.14 13.00
C LYS B 222 -20.06 -9.27 13.54
N THR B 223 -21.28 -9.81 13.61
CA THR B 223 -22.47 -9.06 14.08
C THR B 223 -22.16 -8.41 15.43
N ILE B 224 -21.65 -9.19 16.38
CA ILE B 224 -21.35 -8.72 17.76
C ILE B 224 -20.15 -7.77 17.71
N LEU B 225 -19.11 -8.09 16.96
CA LEU B 225 -17.85 -7.28 16.96
C LEU B 225 -18.09 -5.91 16.32
N MET B 226 -18.99 -5.81 15.34
CA MET B 226 -19.33 -4.50 14.72
C MET B 226 -20.12 -3.65 15.73
N GLU B 227 -20.96 -4.28 16.56
CA GLU B 227 -21.73 -3.57 17.62
C GLU B 227 -20.75 -3.06 18.68
N ILE B 228 -19.82 -3.91 19.11
CA ILE B 228 -18.79 -3.53 20.12
C ILE B 228 -17.94 -2.40 19.55
N GLY B 229 -17.51 -2.53 18.28
CA GLY B 229 -16.70 -1.50 17.59
C GLY B 229 -17.39 -0.16 17.58
N GLU B 230 -18.70 -0.14 17.33
CA GLU B 230 -19.48 1.11 17.27
C GLU B 230 -19.52 1.75 18.66
N PHE B 231 -19.77 0.99 19.72
CA PHE B 231 -19.74 1.55 21.10
C PHE B 231 -18.36 2.11 21.40
N PHE B 232 -17.29 1.34 21.12
CA PHE B 232 -15.88 1.76 21.34
C PHE B 232 -15.69 3.17 20.76
N GLN B 233 -16.09 3.38 19.50
CA GLN B 233 -15.78 4.66 18.80
C GLN B 233 -16.68 5.77 19.35
N ILE B 234 -17.93 5.48 19.68
CA ILE B 234 -18.87 6.51 20.23
C ILE B 234 -18.35 6.95 21.61
N GLN B 235 -17.91 6.00 22.44
CA GLN B 235 -17.31 6.33 23.77
C GLN B 235 -16.07 7.21 23.56
N ASN B 236 -15.21 6.83 22.60
CA ASN B 236 -13.97 7.57 22.26
C ASN B 236 -14.34 9.00 21.85
N ASP B 237 -15.35 9.15 20.98
CA ASP B 237 -15.84 10.47 20.50
C ASP B 237 -16.34 11.30 21.69
N PHE B 238 -17.13 10.69 22.57
CA PHE B 238 -17.68 11.35 23.77
C PHE B 238 -16.52 11.87 24.62
N LEU B 239 -15.52 11.03 24.89
CA LEU B 239 -14.40 11.38 25.79
C LEU B 239 -13.50 12.44 25.13
N ASP B 240 -13.49 12.56 23.81
CA ASP B 240 -12.67 13.58 23.10
C ASP B 240 -13.07 14.99 23.59
N ALA B 241 -14.37 15.22 23.82
CA ALA B 241 -14.91 16.54 24.24
C ALA B 241 -15.06 16.60 25.77
N PHE B 242 -15.45 15.50 26.41
CA PHE B 242 -15.94 15.48 27.81
C PHE B 242 -15.02 14.70 28.76
N GLY B 243 -13.94 14.09 28.24
CA GLY B 243 -12.94 13.37 29.04
C GLY B 243 -12.07 14.33 29.83
N ASP B 244 -11.35 13.82 30.83
CA ASP B 244 -10.41 14.60 31.66
C ASP B 244 -8.99 14.41 31.10
N SER B 245 -8.37 15.51 30.62
CA SER B 245 -7.03 15.52 29.99
C SER B 245 -5.95 15.57 31.08
N VAL B 251 -5.60 16.05 25.22
CA VAL B 251 -6.58 17.13 24.87
C VAL B 251 -7.19 16.82 23.50
N GLY B 252 -8.52 16.85 23.40
CA GLY B 252 -9.27 16.45 22.19
C GLY B 252 -9.36 17.55 21.17
N THR B 253 -9.14 17.23 19.89
CA THR B 253 -9.11 18.19 18.75
C THR B 253 -10.17 17.82 17.69
N ASP B 254 -11.12 16.93 18.00
CA ASP B 254 -12.16 16.50 17.03
C ASP B 254 -12.93 17.73 16.52
N ILE B 255 -13.30 18.66 17.41
CA ILE B 255 -14.10 19.86 17.03
C ILE B 255 -13.25 20.73 16.08
N LYS B 256 -12.01 21.05 16.46
CA LYS B 256 -11.05 21.88 15.67
C LYS B 256 -10.85 21.24 14.28
N GLU B 257 -10.76 19.92 14.21
CA GLU B 257 -10.44 19.16 12.97
C GLU B 257 -11.71 18.91 12.13
N GLY B 258 -12.88 19.28 12.64
CA GLY B 258 -14.17 19.14 11.91
C GLY B 258 -14.56 17.69 11.70
N LYS B 259 -14.20 16.82 12.65
CA LYS B 259 -14.37 15.34 12.50
C LYS B 259 -15.86 15.00 12.51
N CYS B 260 -16.26 14.00 11.72
CA CYS B 260 -17.62 13.42 11.75
C CYS B 260 -17.71 12.51 12.98
N SER B 261 -17.85 13.13 14.16
CA SER B 261 -17.92 12.45 15.47
C SER B 261 -19.39 12.17 15.82
N TRP B 262 -19.64 11.19 16.67
CA TRP B 262 -21.00 10.90 17.18
C TRP B 262 -21.58 12.17 17.81
N LEU B 263 -20.79 12.95 18.55
CA LEU B 263 -21.28 14.20 19.21
C LEU B 263 -21.80 15.17 18.14
N ALA B 264 -21.06 15.38 17.05
CA ALA B 264 -21.45 16.31 15.96
C ALA B 264 -22.73 15.79 15.29
N VAL B 265 -22.80 14.49 15.01
CA VAL B 265 -23.97 13.87 14.33
C VAL B 265 -25.22 14.06 15.21
N VAL B 266 -25.13 13.73 16.50
CA VAL B 266 -26.30 13.83 17.42
C VAL B 266 -26.63 15.30 17.66
N ALA B 267 -25.62 16.18 17.77
CA ALA B 267 -25.84 17.64 17.91
C ALA B 267 -26.75 18.12 16.78
N LEU B 268 -26.47 17.71 15.53
CA LEU B 268 -27.25 18.16 14.36
C LEU B 268 -28.68 17.56 14.42
N GLN B 269 -28.84 16.33 14.91
CA GLN B 269 -30.17 15.69 15.09
C GLN B 269 -31.03 16.48 16.09
N ARG B 270 -30.41 17.00 17.15
CA ARG B 270 -31.12 17.58 18.34
C ARG B 270 -31.25 19.09 18.19
N SER B 271 -30.51 19.74 17.29
CA SER B 271 -30.43 21.22 17.16
C SER B 271 -31.72 21.79 16.56
N ASN B 272 -32.20 22.90 17.11
CA ASN B 272 -33.17 23.80 16.43
C ASN B 272 -32.38 24.62 15.41
N PRO B 273 -33.04 25.38 14.51
CA PRO B 273 -32.32 26.15 13.49
C PRO B 273 -31.22 27.09 14.00
N ALA B 274 -31.46 27.78 15.12
CA ALA B 274 -30.49 28.71 15.75
C ALA B 274 -29.24 27.93 16.19
N GLN B 275 -29.44 26.75 16.79
CA GLN B 275 -28.34 25.87 17.28
C GLN B 275 -27.56 25.31 16.08
N ARG B 276 -28.27 24.94 15.01
CA ARG B 276 -27.64 24.46 13.76
C ARG B 276 -26.70 25.56 13.22
N GLN B 277 -27.13 26.82 13.27
CA GLN B 277 -26.34 27.97 12.78
C GLN B 277 -25.03 28.07 13.57
N ILE B 278 -25.05 27.77 14.88
CA ILE B 278 -23.82 27.80 15.73
C ILE B 278 -22.85 26.71 15.22
N MET B 279 -23.34 25.50 14.95
CA MET B 279 -22.52 24.40 14.37
C MET B 279 -21.92 24.86 13.03
N GLU B 280 -22.74 25.43 12.14
CA GLU B 280 -22.32 25.87 10.78
C GLU B 280 -21.18 26.90 10.91
N GLU B 281 -21.28 27.83 11.87
CA GLU B 281 -20.31 28.95 12.01
C GLU B 281 -19.01 28.48 12.70
N HIS B 282 -19.10 27.60 13.70
CA HIS B 282 -17.98 27.37 14.66
C HIS B 282 -17.39 25.95 14.56
N TYR B 283 -18.06 24.98 13.93
CA TYR B 283 -17.50 23.60 13.85
C TYR B 283 -16.34 23.58 12.84
N GLY B 284 -15.22 22.97 13.24
CA GLY B 284 -14.03 22.78 12.37
C GLY B 284 -13.23 24.06 12.17
N ARG B 285 -13.26 24.98 13.14
CA ARG B 285 -12.47 26.25 13.10
C ARG B 285 -11.22 26.09 13.95
N PRO B 286 -10.12 26.78 13.62
CA PRO B 286 -8.88 26.68 14.42
C PRO B 286 -8.90 27.46 15.75
N GLU B 287 -9.75 28.47 15.90
CA GLU B 287 -9.79 29.36 17.09
C GLU B 287 -10.23 28.55 18.31
N PRO B 288 -9.46 28.55 19.43
CA PRO B 288 -9.88 27.88 20.66
C PRO B 288 -11.28 28.29 21.16
N GLU B 289 -11.67 29.54 20.96
CA GLU B 289 -13.00 30.08 21.39
C GLU B 289 -14.12 29.31 20.69
N SER B 290 -13.92 28.94 19.42
CA SER B 290 -14.92 28.21 18.58
C SER B 290 -15.11 26.79 19.13
N THR B 291 -14.03 26.15 19.59
CA THR B 291 -14.11 24.81 20.25
C THR B 291 -14.94 24.95 21.54
N GLN B 292 -14.71 26.00 22.34
CA GLN B 292 -15.46 26.21 23.61
C GLN B 292 -16.94 26.45 23.29
N ILE B 293 -17.25 27.22 22.23
CA ILE B 293 -18.64 27.51 21.79
C ILE B 293 -19.34 26.18 21.45
N ILE B 294 -18.68 25.31 20.71
CA ILE B 294 -19.26 23.99 20.32
C ILE B 294 -19.45 23.13 21.58
N LYS B 295 -18.46 23.10 22.49
CA LYS B 295 -18.60 22.29 23.75
C LYS B 295 -19.80 22.82 24.53
N ASN B 296 -19.95 24.14 24.63
CA ASN B 296 -21.09 24.78 25.34
C ASN B 296 -22.41 24.39 24.65
N LEU B 297 -22.42 24.30 23.31
CA LEU B 297 -23.64 23.88 22.57
C LEU B 297 -23.93 22.42 22.89
N TYR B 298 -22.91 21.55 22.85
CA TYR B 298 -23.07 20.11 23.18
C TYR B 298 -23.70 19.96 24.57
N ILE B 299 -23.26 20.79 25.51
CA ILE B 299 -23.78 20.78 26.91
C ILE B 299 -25.27 21.16 26.90
N GLU B 300 -25.64 22.27 26.25
CA GLU B 300 -27.05 22.74 26.29
C GLU B 300 -27.93 21.75 25.50
N LEU B 301 -27.37 21.05 24.51
CA LEU B 301 -28.13 20.03 23.70
C LEU B 301 -28.32 18.73 24.49
N GLY B 302 -27.71 18.59 25.67
CA GLY B 302 -27.85 17.40 26.52
C GLY B 302 -27.13 16.19 25.94
N LEU B 303 -25.99 16.39 25.28
CA LEU B 303 -25.23 15.25 24.70
C LEU B 303 -24.70 14.35 25.82
N PRO B 304 -24.24 14.87 26.98
CA PRO B 304 -23.85 13.99 28.09
C PRO B 304 -24.96 13.01 28.52
N ALA B 305 -26.19 13.49 28.71
CA ALA B 305 -27.35 12.66 29.09
C ALA B 305 -27.68 11.68 27.97
N THR B 306 -27.63 12.13 26.71
CA THR B 306 -27.89 11.30 25.51
C THR B 306 -26.87 10.16 25.46
N PHE B 307 -25.60 10.46 25.73
CA PHE B 307 -24.51 9.43 25.77
C PHE B 307 -24.80 8.43 26.89
N ALA B 308 -25.17 8.91 28.08
CA ALA B 308 -25.48 8.07 29.27
C ALA B 308 -26.55 7.04 28.89
N VAL B 309 -27.61 7.48 28.21
CA VAL B 309 -28.75 6.60 27.79
C VAL B 309 -28.22 5.59 26.77
N TYR B 310 -27.47 6.07 25.77
CA TYR B 310 -26.89 5.22 24.70
C TYR B 310 -26.00 4.13 25.32
N GLU B 311 -25.12 4.52 26.24
CA GLU B 311 -24.14 3.61 26.91
C GLU B 311 -24.89 2.47 27.62
N GLU B 312 -25.94 2.78 28.37
CA GLU B 312 -26.73 1.77 29.13
C GLU B 312 -27.47 0.88 28.14
N GLU B 313 -28.16 1.47 27.15
CA GLU B 313 -29.00 0.72 26.17
C GLU B 313 -28.11 -0.18 25.30
N SER B 314 -26.98 0.34 24.81
CA SER B 314 -26.03 -0.41 23.94
C SER B 314 -25.40 -1.56 24.74
N PHE B 315 -25.01 -1.30 25.99
CA PHE B 315 -24.43 -2.34 26.89
C PHE B 315 -25.41 -3.51 26.99
N ASN B 316 -26.68 -3.21 27.26
CA ASN B 316 -27.74 -4.22 27.48
C ASN B 316 -27.96 -5.02 26.19
N ILE B 317 -28.04 -4.35 25.04
CA ILE B 317 -28.27 -5.00 23.71
C ILE B 317 -27.09 -5.93 23.39
N ILE B 318 -25.87 -5.45 23.58
CA ILE B 318 -24.64 -6.23 23.25
C ILE B 318 -24.54 -7.44 24.21
N ARG B 319 -24.76 -7.23 25.51
CA ARG B 319 -24.77 -8.34 26.51
C ARG B 319 -25.79 -9.40 26.07
N THR B 320 -26.97 -8.98 25.65
CA THR B 320 -28.06 -9.90 25.19
C THR B 320 -27.55 -10.68 23.98
N HIS B 321 -27.00 -9.98 22.99
CA HIS B 321 -26.52 -10.61 21.73
C HIS B 321 -25.40 -11.61 22.04
N ILE B 322 -24.51 -11.32 23.00
CA ILE B 322 -23.41 -12.27 23.37
C ILE B 322 -24.02 -13.51 24.03
N HIS B 323 -24.96 -13.34 24.95
CA HIS B 323 -25.69 -14.48 25.59
C HIS B 323 -26.35 -15.34 24.52
N GLN B 324 -26.80 -14.73 23.41
CA GLN B 324 -27.54 -15.41 22.31
C GLN B 324 -26.57 -16.02 21.29
N ILE B 325 -25.26 -15.81 21.40
CA ILE B 325 -24.26 -16.29 20.40
C ILE B 325 -24.39 -17.81 20.30
N SER B 326 -24.48 -18.31 19.06
CA SER B 326 -24.64 -19.76 18.76
C SER B 326 -23.54 -20.20 17.80
N LYS B 327 -23.82 -21.18 16.94
CA LYS B 327 -22.85 -21.73 15.94
C LYS B 327 -21.60 -22.27 16.66
N GLY B 328 -21.73 -22.71 17.91
CA GLY B 328 -20.65 -23.32 18.72
C GLY B 328 -19.56 -22.33 19.10
N LEU B 329 -19.83 -21.02 19.10
CA LEU B 329 -18.83 -19.99 19.50
C LEU B 329 -18.84 -19.83 21.02
N PRO B 330 -17.67 -19.61 21.65
CA PRO B 330 -17.59 -19.37 23.09
C PRO B 330 -18.01 -17.94 23.46
N HIS B 331 -18.82 -17.80 24.51
CA HIS B 331 -19.33 -16.50 25.01
C HIS B 331 -18.21 -15.71 25.69
N ASP B 332 -17.35 -16.39 26.47
CA ASP B 332 -16.37 -15.74 27.38
C ASP B 332 -15.44 -14.82 26.56
N LEU B 333 -15.07 -15.21 25.35
CA LEU B 333 -14.20 -14.39 24.45
C LEU B 333 -14.87 -13.03 24.22
N PHE B 334 -16.15 -13.01 23.85
CA PHE B 334 -16.89 -11.78 23.49
C PHE B 334 -17.16 -10.94 24.74
N PHE B 335 -17.44 -11.59 25.88
CA PHE B 335 -17.62 -10.89 27.19
C PHE B 335 -16.31 -10.21 27.61
N LYS B 336 -15.17 -10.88 27.42
CA LYS B 336 -13.84 -10.33 27.77
C LYS B 336 -13.58 -9.07 26.92
N ILE B 337 -13.92 -9.11 25.64
CA ILE B 337 -13.77 -7.96 24.69
C ILE B 337 -14.72 -6.84 25.14
N MET B 338 -15.99 -7.16 25.36
CA MET B 338 -17.06 -6.21 25.79
C MET B 338 -16.59 -5.49 27.07
N LYS B 339 -16.20 -6.24 28.10
CA LYS B 339 -15.85 -5.69 29.44
C LYS B 339 -14.63 -4.78 29.34
N LYS B 340 -13.68 -5.12 28.45
CA LYS B 340 -12.44 -4.34 28.19
C LYS B 340 -12.81 -2.93 27.67
N ILE B 341 -13.83 -2.83 26.82
CA ILE B 341 -14.27 -1.55 26.19
C ILE B 341 -15.13 -0.75 27.17
N TYR B 342 -16.13 -1.38 27.80
CA TYR B 342 -17.13 -0.71 28.67
C TYR B 342 -16.55 -0.41 30.06
N LYS B 343 -15.60 -1.24 30.53
CA LYS B 343 -14.94 -1.11 31.86
C LYS B 343 -15.99 -0.96 32.96
#